data_1SBZ
#
_entry.id   1SBZ
#
_cell.length_a   95.372
_cell.length_b   95.372
_cell.length_c   217.538
_cell.angle_alpha   90.00
_cell.angle_beta   90.00
_cell.angle_gamma   120.00
#
_symmetry.space_group_name_H-M   'H 3'
#
loop_
_entity.id
_entity.type
_entity.pdbx_description
1 polymer 'Probable aromatic acid decarboxylase'
2 non-polymer 'FLAVIN MONONUCLEOTIDE'
3 water water
#
_entity_poly.entity_id   1
_entity_poly.type   'polypeptide(L)'
_entity_poly.pdbx_seq_one_letter_code
;(MSE)KLIVG(MSE)TGATGAPLGVALLQALRE(MSE)PNVETHLV(MSE)SKWAKTTIELETPYSARDVAALADFSHNP
ADQAATISSGSFRTDG(MSE)IVIPCS(MSE)KTLAGIRAGYADGLVGRAADVVLKEGRKLVLVPRE(MSE)PLSTIHLE
N(MSE)LALSR(MSE)GVA(MSE)VPP(MSE)PAFYNHPETVDDIVHHVVARVLDQFGLEHPYARRWQGLPQARNFSQEN
E
;
_entity_poly.pdbx_strand_id   A,B,C,D
#
# COMPACT_ATOMS: atom_id res chain seq x y z
N LYS A 2 -12.62 -5.99 40.88
CA LYS A 2 -13.07 -7.29 40.40
C LYS A 2 -12.78 -7.42 38.90
N LEU A 3 -11.96 -8.41 38.54
CA LEU A 3 -11.56 -8.62 37.15
C LEU A 3 -11.97 -9.99 36.64
N ILE A 4 -12.58 -10.01 35.46
CA ILE A 4 -12.84 -11.26 34.75
C ILE A 4 -11.64 -11.58 33.89
N VAL A 5 -11.18 -12.82 33.99
CA VAL A 5 -10.08 -13.31 33.17
C VAL A 5 -10.62 -14.45 32.33
N GLY A 6 -10.62 -14.26 31.02
CA GLY A 6 -11.00 -15.30 30.09
C GLY A 6 -9.77 -15.91 29.47
N THR A 8 -8.54 -18.73 26.38
CA THR A 8 -9.06 -19.13 25.09
C THR A 8 -8.01 -19.98 24.40
N GLY A 9 -8.43 -20.78 23.43
CA GLY A 9 -7.58 -21.78 22.78
C GLY A 9 -6.63 -21.30 21.70
N ALA A 10 -6.04 -20.13 21.89
CA ALA A 10 -4.91 -19.71 21.05
C ALA A 10 -3.64 -20.19 21.74
N THR A 11 -2.59 -20.47 20.97
CA THR A 11 -1.33 -20.80 21.59
C THR A 11 -0.86 -19.61 22.44
N GLY A 12 -0.39 -19.91 23.65
CA GLY A 12 -0.06 -18.87 24.61
C GLY A 12 -0.77 -19.02 25.94
N ALA A 13 -1.13 -20.25 26.27
CA ALA A 13 -1.61 -20.58 27.62
C ALA A 13 -0.66 -20.11 28.74
N PRO A 14 0.67 -20.23 28.56
CA PRO A 14 1.61 -19.65 29.53
C PRO A 14 1.39 -18.17 29.85
N LEU A 15 0.87 -17.40 28.89
CA LEU A 15 0.56 -15.98 29.10
C LEU A 15 -0.59 -15.79 30.08
N GLY A 16 -1.63 -16.63 29.96
CA GLY A 16 -2.78 -16.57 30.84
C GLY A 16 -2.43 -17.01 32.25
N VAL A 17 -1.69 -18.10 32.36
CA VAL A 17 -1.23 -18.63 33.65
C VAL A 17 -0.41 -17.59 34.42
N ALA A 18 0.54 -16.95 33.74
CA ALA A 18 1.38 -15.93 34.35
C ALA A 18 0.60 -14.70 34.79
N LEU A 19 -0.51 -14.40 34.09
CA LEU A 19 -1.38 -13.29 34.45
C LEU A 19 -2.13 -13.58 35.74
N LEU A 20 -2.61 -14.81 35.86
CA LEU A 20 -3.32 -15.27 37.05
C LEU A 20 -2.41 -15.31 38.27
N GLN A 21 -1.17 -15.78 38.08
CA GLN A 21 -0.16 -15.79 39.15
C GLN A 21 0.14 -14.38 39.63
N ALA A 22 0.29 -13.45 38.70
CA ALA A 22 0.55 -12.04 39.03
C ALA A 22 -0.63 -11.39 39.75
N LEU A 23 -1.84 -11.76 39.37
CA LEU A 23 -3.05 -11.28 40.02
C LEU A 23 -3.29 -11.92 41.39
N ARG A 24 -2.78 -13.14 41.55
CA ARG A 24 -2.86 -13.87 42.82
C ARG A 24 -2.03 -13.18 43.92
N GLU A 25 -0.97 -12.48 43.52
CA GLU A 25 -0.11 -11.77 44.46
C GLU A 25 -0.70 -10.44 44.91
N PRO A 27 -3.80 -8.84 46.74
CA PRO A 27 -4.88 -9.24 47.64
C PRO A 27 -6.23 -8.56 47.37
N ASN A 28 -6.20 -7.27 47.05
CA ASN A 28 -7.45 -6.53 46.81
C ASN A 28 -7.95 -6.59 45.35
N VAL A 29 -7.59 -7.67 44.68
CA VAL A 29 -8.09 -7.97 43.34
C VAL A 29 -8.79 -9.33 43.38
N GLU A 30 -10.07 -9.34 43.07
CA GLU A 30 -10.84 -10.58 42.97
C GLU A 30 -10.94 -11.01 41.51
N THR A 31 -10.38 -12.18 41.20
CA THR A 31 -10.37 -12.67 39.82
C THR A 31 -11.44 -13.72 39.56
N HIS A 32 -12.12 -13.58 38.43
CA HIS A 32 -13.10 -14.55 37.98
C HIS A 32 -12.60 -15.17 36.69
N LEU A 33 -12.32 -16.46 36.72
CA LEU A 33 -11.75 -17.14 35.57
C LEU A 33 -12.81 -17.87 34.75
N VAL A 34 -12.66 -17.80 33.43
CA VAL A 34 -13.44 -18.62 32.52
C VAL A 34 -12.48 -19.20 31.50
N SER A 36 -12.09 -21.53 28.35
CA SER A 36 -12.81 -22.19 27.26
C SER A 36 -12.37 -23.66 27.16
N LYS A 37 -13.23 -24.48 26.56
CA LYS A 37 -12.90 -25.88 26.29
C LYS A 37 -11.51 -26.05 25.66
N TRP A 38 -11.22 -25.32 24.59
CA TRP A 38 -9.94 -25.47 23.90
C TRP A 38 -8.76 -24.85 24.66
N ALA A 39 -9.05 -23.92 25.58
CA ALA A 39 -8.02 -23.36 26.45
C ALA A 39 -7.45 -24.42 27.40
N LYS A 40 -8.31 -25.32 27.87
CA LYS A 40 -7.87 -26.44 28.71
C LYS A 40 -6.88 -27.35 27.97
N THR A 41 -7.12 -27.55 26.68
CA THR A 41 -6.25 -28.34 25.81
C THR A 41 -4.89 -27.66 25.67
N THR A 42 -4.93 -26.35 25.48
CA THR A 42 -3.75 -25.53 25.30
C THR A 42 -2.95 -25.40 26.60
N ILE A 43 -3.65 -25.25 27.71
CA ILE A 43 -2.98 -25.22 29.02
C ILE A 43 -2.19 -26.50 29.26
N GLU A 44 -2.84 -27.64 29.05
CA GLU A 44 -2.26 -28.94 29.32
C GLU A 44 -1.10 -29.28 28.39
N LEU A 45 -1.21 -28.88 27.13
CA LEU A 45 -0.14 -29.06 26.15
C LEU A 45 1.06 -28.12 26.36
N GLU A 46 0.80 -26.90 26.81
CA GLU A 46 1.83 -25.85 26.81
C GLU A 46 2.44 -25.53 28.18
N THR A 47 1.79 -25.97 29.25
CA THR A 47 2.24 -25.71 30.61
C THR A 47 2.41 -27.01 31.42
N PRO A 48 3.08 -26.93 32.57
CA PRO A 48 3.17 -28.08 33.47
C PRO A 48 1.90 -28.24 34.33
N TYR A 49 0.91 -27.38 34.12
CA TYR A 49 -0.30 -27.35 34.94
C TYR A 49 -1.47 -28.05 34.28
N SER A 50 -2.40 -28.53 35.11
CA SER A 50 -3.66 -29.07 34.65
C SER A 50 -4.70 -27.96 34.67
N ALA A 51 -5.91 -28.25 34.19
CA ALA A 51 -7.01 -27.28 34.23
C ALA A 51 -7.34 -26.84 35.65
N ARG A 52 -7.45 -27.79 36.56
CA ARG A 52 -7.79 -27.53 37.98
C ARG A 52 -6.73 -26.67 38.67
N ASP A 53 -5.46 -26.95 38.37
CA ASP A 53 -4.33 -26.14 38.88
C ASP A 53 -4.55 -24.66 38.57
N VAL A 54 -4.85 -24.37 37.30
CA VAL A 54 -5.05 -23.00 36.85
C VAL A 54 -6.30 -22.38 37.50
N ALA A 55 -7.37 -23.16 37.58
CA ALA A 55 -8.62 -22.71 38.23
C ALA A 55 -8.38 -22.30 39.68
N ALA A 56 -7.46 -23.01 40.35
CA ALA A 56 -7.09 -22.73 41.74
C ALA A 56 -6.36 -21.40 41.91
N LEU A 57 -5.77 -20.89 40.83
CA LEU A 57 -5.08 -19.59 40.84
C LEU A 57 -6.03 -18.40 40.92
N ALA A 58 -7.30 -18.64 40.63
CA ALA A 58 -8.32 -17.59 40.64
C ALA A 58 -9.28 -17.77 41.81
N ASP A 59 -9.85 -16.65 42.27
CA ASP A 59 -10.84 -16.64 43.34
C ASP A 59 -12.13 -17.38 42.95
N PHE A 60 -12.56 -17.21 41.70
CA PHE A 60 -13.73 -17.91 41.17
C PHE A 60 -13.43 -18.49 39.79
N SER A 61 -13.96 -19.68 39.51
CA SER A 61 -13.83 -20.31 38.20
C SER A 61 -15.19 -20.70 37.68
N HIS A 62 -15.58 -20.11 36.56
CA HIS A 62 -16.91 -20.36 36.00
C HIS A 62 -16.82 -21.25 34.76
N ASN A 63 -17.79 -22.15 34.62
CA ASN A 63 -17.91 -23.00 33.45
C ASN A 63 -18.17 -22.16 32.19
N PRO A 64 -17.43 -22.43 31.09
CA PRO A 64 -17.59 -21.70 29.84
C PRO A 64 -18.99 -21.79 29.21
N ALA A 65 -19.79 -22.75 29.66
CA ALA A 65 -21.15 -22.92 29.13
C ALA A 65 -22.20 -22.35 30.06
N ASP A 66 -21.76 -21.75 31.17
CA ASP A 66 -22.68 -21.32 32.22
C ASP A 66 -23.15 -19.86 32.06
N GLN A 67 -24.25 -19.70 31.33
CA GLN A 67 -24.80 -18.37 31.07
C GLN A 67 -25.57 -17.81 32.25
N ALA A 68 -25.65 -18.58 33.33
CA ALA A 68 -26.31 -18.17 34.58
C ALA A 68 -25.31 -17.77 35.68
N ALA A 69 -24.03 -17.72 35.34
CA ALA A 69 -22.98 -17.32 36.30
C ALA A 69 -23.15 -15.87 36.74
N THR A 70 -22.51 -15.51 37.85
CA THR A 70 -22.60 -14.14 38.35
C THR A 70 -22.17 -13.14 37.26
N ILE A 71 -21.05 -13.42 36.62
CA ILE A 71 -20.46 -12.49 35.65
C ILE A 71 -21.24 -12.33 34.31
N SER A 72 -22.33 -13.08 34.15
CA SER A 72 -23.12 -12.99 32.93
C SER A 72 -24.19 -11.89 33.00
N SER A 73 -24.32 -11.26 34.17
CA SER A 73 -25.26 -10.14 34.34
C SER A 73 -24.51 -8.84 34.55
N GLY A 74 -25.05 -7.77 33.97
CA GLY A 74 -24.48 -6.43 34.13
C GLY A 74 -24.75 -5.79 35.49
N SER A 75 -25.69 -6.35 36.23
CA SER A 75 -25.98 -5.89 37.59
C SER A 75 -24.89 -6.31 38.58
N PHE A 76 -24.14 -7.36 38.23
CA PHE A 76 -23.00 -7.79 39.01
C PHE A 76 -21.81 -6.95 38.59
N ARG A 77 -21.45 -5.97 39.42
CA ARG A 77 -20.37 -5.03 39.12
C ARG A 77 -18.97 -5.66 39.12
N THR A 78 -18.23 -5.44 38.03
CA THR A 78 -16.81 -5.76 37.93
C THR A 78 -16.09 -4.54 37.38
N ASP A 79 -14.77 -4.60 37.36
CA ASP A 79 -13.97 -3.51 36.83
C ASP A 79 -13.53 -3.80 35.40
N GLY A 80 -13.94 -4.95 34.89
CA GLY A 80 -13.67 -5.27 33.50
C GLY A 80 -13.14 -6.66 33.26
N ILE A 82 -10.17 -9.28 30.93
CA ILE A 82 -9.03 -9.60 30.09
C ILE A 82 -9.27 -10.97 29.46
N VAL A 83 -9.09 -11.06 28.15
CA VAL A 83 -9.09 -12.35 27.47
C VAL A 83 -7.64 -12.58 27.02
N ILE A 84 -7.02 -13.59 27.60
CA ILE A 84 -5.59 -13.85 27.42
C ILE A 84 -5.30 -15.36 27.42
N PRO A 85 -4.81 -15.89 26.30
CA PRO A 85 -4.76 -15.17 25.04
C PRO A 85 -6.15 -15.22 24.41
N CYS A 86 -6.36 -14.44 23.37
CA CYS A 86 -7.67 -14.40 22.70
C CYS A 86 -7.55 -14.99 21.30
N SER A 87 -8.27 -16.06 21.04
CA SER A 87 -8.30 -16.68 19.71
C SER A 87 -9.07 -15.80 18.73
N LYS A 89 -11.41 -16.94 16.75
CA LYS A 89 -12.80 -17.36 16.91
C LYS A 89 -13.51 -16.59 18.04
N THR A 90 -12.85 -16.44 19.19
CA THR A 90 -13.45 -15.69 20.30
C THR A 90 -13.52 -14.20 19.97
N LEU A 91 -12.46 -13.68 19.37
CA LEU A 91 -12.44 -12.30 18.93
C LEU A 91 -13.60 -12.00 17.97
N ALA A 92 -13.85 -12.92 17.04
CA ALA A 92 -14.94 -12.79 16.06
C ALA A 92 -16.33 -12.89 16.69
N GLY A 93 -16.48 -13.79 17.66
CA GLY A 93 -17.74 -13.92 18.40
C GLY A 93 -18.10 -12.64 19.15
N ILE A 94 -17.11 -12.04 19.81
CA ILE A 94 -17.33 -10.79 20.54
C ILE A 94 -17.71 -9.67 19.57
N ARG A 95 -16.99 -9.57 18.46
CA ARG A 95 -17.24 -8.50 17.48
C ARG A 95 -18.67 -8.61 16.93
N ALA A 96 -19.08 -9.83 16.61
CA ALA A 96 -20.40 -10.10 16.06
C ALA A 96 -21.51 -9.95 17.12
N GLY A 97 -21.12 -10.13 18.38
CA GLY A 97 -22.06 -10.16 19.50
C GLY A 97 -22.73 -11.51 19.70
N TYR A 98 -22.18 -12.54 19.07
CA TYR A 98 -22.74 -13.87 19.15
C TYR A 98 -22.30 -14.55 20.46
N ALA A 99 -22.96 -14.19 21.55
CA ALA A 99 -22.53 -14.57 22.89
C ALA A 99 -23.04 -15.97 23.27
N ASP A 100 -22.50 -16.98 22.58
CA ASP A 100 -22.91 -18.38 22.70
C ASP A 100 -22.51 -19.03 24.03
N GLY A 101 -21.36 -18.65 24.57
CA GLY A 101 -20.89 -19.18 25.86
C GLY A 101 -20.56 -18.04 26.80
N LEU A 102 -20.01 -18.37 27.97
CA LEU A 102 -19.75 -17.35 29.00
C LEU A 102 -18.65 -16.36 28.65
N VAL A 103 -17.63 -16.79 27.92
CA VAL A 103 -16.56 -15.89 27.53
C VAL A 103 -17.17 -14.74 26.70
N GLY A 104 -17.92 -15.11 25.66
CA GLY A 104 -18.63 -14.15 24.83
C GLY A 104 -19.65 -13.31 25.58
N ARG A 105 -20.44 -13.96 26.43
CA ARG A 105 -21.44 -13.25 27.23
C ARG A 105 -20.83 -12.20 28.18
N ALA A 106 -19.86 -12.62 28.98
CA ALA A 106 -19.18 -11.71 29.91
C ALA A 106 -18.58 -10.51 29.20
N ALA A 107 -17.91 -10.78 28.08
CA ALA A 107 -17.34 -9.73 27.23
C ALA A 107 -18.44 -8.81 26.70
N ASP A 108 -19.54 -9.41 26.22
CA ASP A 108 -20.68 -8.63 25.76
C ASP A 108 -21.25 -7.74 26.87
N VAL A 109 -21.24 -8.28 28.09
CA VAL A 109 -21.76 -7.56 29.26
C VAL A 109 -20.82 -6.41 29.65
N VAL A 110 -19.52 -6.71 29.73
CA VAL A 110 -18.52 -5.69 29.99
C VAL A 110 -18.72 -4.52 29.02
N LEU A 111 -18.87 -4.82 27.74
CA LEU A 111 -19.07 -3.78 26.73
C LEU A 111 -20.35 -2.94 26.92
N LYS A 112 -21.48 -3.61 27.15
CA LYS A 112 -22.75 -2.91 27.30
C LYS A 112 -22.78 -2.02 28.56
N GLU A 113 -22.03 -2.40 29.59
CA GLU A 113 -21.97 -1.63 30.83
C GLU A 113 -20.94 -0.51 30.76
N GLY A 114 -20.15 -0.49 29.70
CA GLY A 114 -19.13 0.54 29.53
C GLY A 114 -17.91 0.30 30.41
N ARG A 115 -17.68 -0.96 30.75
CA ARG A 115 -16.49 -1.34 31.50
C ARG A 115 -15.36 -1.69 30.53
N LYS A 116 -14.15 -1.85 31.08
CA LYS A 116 -12.96 -2.01 30.26
C LYS A 116 -12.73 -3.46 29.82
N LEU A 117 -12.72 -3.67 28.50
CA LEU A 117 -12.35 -4.95 27.93
C LEU A 117 -10.96 -4.88 27.30
N VAL A 118 -10.09 -5.79 27.72
CA VAL A 118 -8.75 -5.92 27.17
C VAL A 118 -8.58 -7.30 26.55
N LEU A 119 -8.22 -7.34 25.29
CA LEU A 119 -8.00 -8.58 24.56
C LEU A 119 -6.52 -8.78 24.27
N VAL A 120 -6.06 -10.03 24.36
CA VAL A 120 -4.69 -10.39 23.99
C VAL A 120 -4.74 -11.27 22.74
N PRO A 121 -4.99 -10.66 21.57
CA PRO A 121 -5.20 -11.42 20.34
C PRO A 121 -3.93 -12.09 19.88
N ARG A 122 -4.02 -13.37 19.53
CA ARG A 122 -2.86 -14.10 19.04
C ARG A 122 -3.21 -14.99 17.85
N GLU A 123 -2.58 -14.67 16.72
CA GLU A 123 -2.66 -15.44 15.49
C GLU A 123 -1.61 -14.83 14.56
N PRO A 125 -0.11 -15.65 10.29
CA PRO A 125 -0.35 -14.24 10.02
C PRO A 125 -1.74 -13.77 10.46
N LEU A 126 -1.95 -12.45 10.45
CA LEU A 126 -3.27 -11.86 10.65
C LEU A 126 -3.97 -11.63 9.29
N SER A 127 -5.15 -12.19 9.13
CA SER A 127 -5.91 -12.03 7.88
C SER A 127 -6.76 -10.76 7.89
N THR A 128 -7.37 -10.45 6.74
CA THR A 128 -8.28 -9.32 6.59
C THR A 128 -9.47 -9.42 7.56
N ILE A 129 -9.98 -10.63 7.75
CA ILE A 129 -11.09 -10.83 8.70
C ILE A 129 -10.63 -10.53 10.12
N HIS A 130 -9.47 -11.04 10.51
CA HIS A 130 -8.90 -10.75 11.84
C HIS A 130 -8.81 -9.24 12.09
N LEU A 131 -8.23 -8.52 11.13
CA LEU A 131 -7.98 -7.07 11.28
C LEU A 131 -9.27 -6.24 11.31
N GLU A 132 -10.24 -6.65 10.50
CA GLU A 132 -11.53 -6.03 10.45
C GLU A 132 -12.21 -6.12 11.80
N ASN A 133 -12.25 -7.33 12.34
CA ASN A 133 -12.81 -7.62 13.66
C ASN A 133 -12.10 -6.87 14.77
N LEU A 135 -10.30 -4.09 14.42
CA LEU A 135 -10.55 -2.65 14.21
C LEU A 135 -11.92 -2.23 14.75
N ALA A 136 -12.95 -3.02 14.46
CA ALA A 136 -14.31 -2.69 14.88
C ALA A 136 -14.44 -2.63 16.41
N LEU A 137 -13.81 -3.58 17.09
CA LEU A 137 -13.76 -3.54 18.55
C LEU A 137 -12.86 -2.42 19.08
N SER A 138 -11.73 -2.16 18.42
CA SER A 138 -10.86 -1.03 18.79
C SER A 138 -11.62 0.31 18.81
N ARG A 139 -12.46 0.53 17.79
CA ARG A 139 -13.26 1.74 17.67
C ARG A 139 -14.22 1.94 18.85
N GLY A 141 -13.37 1.18 21.94
CA GLY A 141 -12.56 1.33 23.14
C GLY A 141 -12.00 0.03 23.70
N VAL A 142 -12.12 -1.05 22.94
CA VAL A 142 -11.52 -2.33 23.35
C VAL A 142 -10.00 -2.30 23.08
N ALA A 143 -9.24 -2.47 24.15
CA ALA A 143 -7.79 -2.52 24.04
C ALA A 143 -7.36 -3.82 23.37
N VAL A 145 -4.19 -5.89 22.74
CA VAL A 145 -2.82 -6.04 23.25
C VAL A 145 -2.23 -7.41 22.86
N PRO A 146 -1.82 -7.55 21.59
CA PRO A 146 -1.20 -8.78 21.14
C PRO A 146 0.09 -9.03 21.94
N PRO A 147 0.48 -10.30 22.12
CA PRO A 147 1.70 -10.62 22.89
C PRO A 147 3.00 -10.40 22.10
N PRO A 149 6.67 -9.51 21.54
CA PRO A 149 7.90 -9.46 22.32
C PRO A 149 8.65 -8.14 22.15
N ALA A 150 9.16 -7.61 23.26
CA ALA A 150 10.06 -6.47 23.22
C ALA A 150 11.49 -6.97 23.37
N PHE A 151 12.43 -6.27 22.72
CA PHE A 151 13.82 -6.70 22.74
C PHE A 151 14.78 -5.66 23.35
N TYR A 152 14.28 -4.43 23.54
CA TYR A 152 15.09 -3.32 24.03
C TYR A 152 15.60 -3.51 25.46
N ASN A 153 14.87 -4.31 26.24
CA ASN A 153 15.25 -4.59 27.62
C ASN A 153 16.01 -5.90 27.77
N HIS A 154 16.49 -6.42 26.64
CA HIS A 154 17.37 -7.60 26.56
C HIS A 154 16.84 -8.83 27.28
N PRO A 155 15.81 -9.46 26.71
CA PRO A 155 15.28 -10.71 27.25
C PRO A 155 16.17 -11.89 26.85
N GLU A 156 16.17 -12.94 27.66
CA GLU A 156 16.96 -14.14 27.37
C GLU A 156 16.08 -15.38 27.28
N THR A 157 15.11 -15.47 28.18
CA THR A 157 14.20 -16.61 28.25
C THR A 157 12.80 -16.27 27.76
N VAL A 158 12.00 -17.33 27.56
CA VAL A 158 10.59 -17.18 27.25
C VAL A 158 9.86 -16.43 28.38
N ASP A 159 10.19 -16.77 29.63
CA ASP A 159 9.65 -16.08 30.82
C ASP A 159 9.80 -14.57 30.79
N ASP A 160 10.96 -14.10 30.33
CA ASP A 160 11.22 -12.68 30.17
C ASP A 160 10.17 -12.03 29.28
N ILE A 161 9.91 -12.65 28.14
CA ILE A 161 8.90 -12.19 27.20
C ILE A 161 7.49 -12.26 27.82
N VAL A 162 7.14 -13.41 28.39
CA VAL A 162 5.85 -13.61 29.02
C VAL A 162 5.55 -12.54 30.09
N HIS A 163 6.50 -12.29 30.99
CA HIS A 163 6.30 -11.34 32.09
C HIS A 163 6.19 -9.89 31.62
N HIS A 164 6.91 -9.55 30.55
CA HIS A 164 6.81 -8.22 29.98
C HIS A 164 5.42 -7.99 29.39
N VAL A 165 4.95 -8.96 28.61
CA VAL A 165 3.60 -8.93 28.06
C VAL A 165 2.57 -8.73 29.17
N VAL A 166 2.64 -9.58 30.21
CA VAL A 166 1.73 -9.48 31.36
C VAL A 166 1.74 -8.07 31.97
N ALA A 167 2.93 -7.53 32.22
CA ALA A 167 3.09 -6.19 32.77
C ALA A 167 2.34 -5.12 31.95
N ARG A 168 2.47 -5.23 30.63
CA ARG A 168 1.86 -4.26 29.70
C ARG A 168 0.34 -4.44 29.58
N VAL A 169 -0.13 -5.66 29.83
CA VAL A 169 -1.56 -5.95 29.88
C VAL A 169 -2.13 -5.31 31.14
N LEU A 170 -1.51 -5.62 32.28
CA LEU A 170 -1.87 -5.04 33.58
C LEU A 170 -1.91 -3.52 33.58
N ASP A 171 -0.99 -2.89 32.83
CA ASP A 171 -0.97 -1.44 32.65
C ASP A 171 -2.34 -0.84 32.32
N GLN A 172 -3.15 -1.60 31.58
CA GLN A 172 -4.47 -1.16 31.13
C GLN A 172 -5.41 -0.94 32.31
N PHE A 173 -5.15 -1.62 33.42
CA PHE A 173 -5.95 -1.47 34.63
C PHE A 173 -5.23 -0.70 35.74
N GLY A 174 -4.09 -0.12 35.39
CA GLY A 174 -3.29 0.67 36.32
C GLY A 174 -2.57 -0.15 37.38
N LEU A 175 -2.47 -1.46 37.15
CA LEU A 175 -1.82 -2.37 38.08
C LEU A 175 -0.33 -2.50 37.78
N GLU A 176 0.48 -2.60 38.82
CA GLU A 176 1.92 -2.72 38.67
C GLU A 176 2.38 -4.16 38.82
N HIS A 177 3.04 -4.67 37.79
CA HIS A 177 3.67 -5.99 37.84
C HIS A 177 5.06 -5.82 38.47
N PRO A 178 5.39 -6.69 39.42
CA PRO A 178 6.72 -6.68 40.04
C PRO A 178 7.82 -7.05 39.04
N ARG A 182 10.96 -2.06 31.79
CA ARG A 182 10.37 -0.85 31.21
C ARG A 182 11.41 0.05 30.53
N TRP A 183 10.94 0.90 29.63
CA TRP A 183 11.80 1.84 28.92
C TRP A 183 11.98 3.13 29.72
N GLN A 184 13.21 3.64 29.70
CA GLN A 184 13.54 4.89 30.34
C GLN A 184 14.29 5.78 29.35
N GLY A 185 15.61 5.88 29.46
CA GLY A 185 16.38 6.70 28.53
C GLY A 185 17.32 5.89 27.64
N LEU A 186 18.06 6.60 26.79
CA LEU A 186 19.16 6.06 25.98
C LEU A 186 19.99 7.18 25.30
N LYS B 2 -2.74 -18.04 -24.06
CA LYS B 2 -3.86 -17.40 -24.78
C LYS B 2 -4.23 -16.08 -24.13
N LEU B 3 -4.09 -15.01 -24.92
CA LEU B 3 -4.36 -13.65 -24.44
C LEU B 3 -5.45 -12.96 -25.23
N ILE B 4 -6.42 -12.38 -24.52
CA ILE B 4 -7.41 -11.51 -25.16
C ILE B 4 -6.88 -10.08 -25.22
N VAL B 5 -6.92 -9.47 -26.40
CA VAL B 5 -6.58 -8.06 -26.54
C VAL B 5 -7.81 -7.27 -26.97
N GLY B 6 -8.29 -6.40 -26.08
CA GLY B 6 -9.38 -5.49 -26.43
C GLY B 6 -8.82 -4.17 -26.88
N THR B 8 -10.10 -0.20 -27.98
CA THR B 8 -11.19 0.65 -27.61
C THR B 8 -10.94 2.09 -28.13
N GLY B 9 -12.00 2.89 -28.24
CA GLY B 9 -11.94 4.17 -28.93
C GLY B 9 -11.33 5.35 -28.17
N ALA B 10 -10.30 5.08 -27.38
CA ALA B 10 -9.53 6.15 -26.75
C ALA B 10 -8.40 6.52 -27.70
N THR B 11 -8.00 7.79 -27.72
CA THR B 11 -6.84 8.16 -28.51
C THR B 11 -5.64 7.37 -27.98
N GLY B 12 -4.84 6.82 -28.89
CA GLY B 12 -3.75 5.92 -28.51
C GLY B 12 -3.83 4.57 -29.20
N ALA B 13 -4.48 4.53 -30.36
CA ALA B 13 -4.52 3.33 -31.19
C ALA B 13 -3.13 2.77 -31.55
N PRO B 14 -2.12 3.61 -31.78
CA PRO B 14 -0.75 3.12 -31.96
C PRO B 14 -0.24 2.26 -30.80
N LEU B 15 -0.79 2.46 -29.60
CA LEU B 15 -0.42 1.66 -28.43
C LEU B 15 -0.85 0.20 -28.63
N GLY B 16 -2.08 0.00 -29.08
CA GLY B 16 -2.62 -1.33 -29.33
C GLY B 16 -2.01 -2.04 -30.53
N VAL B 17 -1.79 -1.29 -31.62
CA VAL B 17 -1.13 -1.83 -32.81
C VAL B 17 0.26 -2.38 -32.43
N ALA B 18 1.04 -1.56 -31.73
CA ALA B 18 2.39 -1.95 -31.29
C ALA B 18 2.42 -3.18 -30.37
N LEU B 19 1.43 -3.30 -29.48
CA LEU B 19 1.31 -4.48 -28.61
C LEU B 19 1.03 -5.72 -29.46
N LEU B 20 0.09 -5.59 -30.39
CA LEU B 20 -0.23 -6.67 -31.33
C LEU B 20 0.98 -7.07 -32.18
N GLN B 21 1.75 -6.08 -32.63
CA GLN B 21 2.97 -6.34 -33.40
C GLN B 21 4.00 -7.11 -32.58
N ALA B 22 4.20 -6.69 -31.33
CA ALA B 22 5.11 -7.39 -30.42
C ALA B 22 4.67 -8.84 -30.20
N LEU B 23 3.38 -9.03 -29.87
CA LEU B 23 2.82 -10.35 -29.63
C LEU B 23 2.90 -11.27 -30.85
N ARG B 24 2.77 -10.69 -32.03
CA ARG B 24 2.91 -11.41 -33.30
C ARG B 24 4.23 -12.15 -33.37
N GLU B 25 5.29 -11.53 -32.83
CA GLU B 25 6.64 -12.09 -32.80
C GLU B 25 6.81 -13.25 -31.81
N PRO B 27 5.34 -16.78 -31.17
CA PRO B 27 4.54 -17.97 -31.55
C PRO B 27 3.84 -18.68 -30.39
N ASN B 28 4.45 -18.62 -29.21
CA ASN B 28 3.90 -19.20 -27.99
C ASN B 28 2.64 -18.48 -27.47
N VAL B 29 2.27 -17.38 -28.12
CA VAL B 29 1.14 -16.56 -27.67
C VAL B 29 0.00 -16.58 -28.70
N GLU B 30 -1.16 -17.08 -28.28
CA GLU B 30 -2.36 -17.03 -29.11
C GLU B 30 -3.19 -15.80 -28.73
N THR B 31 -3.36 -14.89 -29.70
CA THR B 31 -4.09 -13.64 -29.46
C THR B 31 -5.53 -13.66 -29.94
N HIS B 32 -6.43 -13.15 -29.10
CA HIS B 32 -7.83 -13.00 -29.43
C HIS B 32 -8.19 -11.54 -29.38
N LEU B 33 -8.23 -10.91 -30.55
CA LEU B 33 -8.48 -9.48 -30.67
C LEU B 33 -9.98 -9.17 -30.70
N VAL B 34 -10.37 -8.13 -29.96
CA VAL B 34 -11.70 -7.55 -30.09
C VAL B 34 -11.54 -6.05 -30.25
N SER B 36 -13.40 -2.62 -30.77
CA SER B 36 -14.68 -1.95 -30.72
C SER B 36 -14.92 -1.14 -32.00
N LYS B 37 -16.17 -0.82 -32.28
CA LYS B 37 -16.49 0.07 -33.40
C LYS B 37 -15.62 1.35 -33.38
N TRP B 38 -15.50 2.00 -32.23
CA TRP B 38 -14.76 3.26 -32.15
C TRP B 38 -13.23 3.09 -32.18
N ALA B 39 -12.74 1.92 -31.82
CA ALA B 39 -11.32 1.59 -31.99
C ALA B 39 -10.94 1.53 -33.48
N LYS B 40 -11.88 1.15 -34.33
CA LYS B 40 -11.63 1.10 -35.78
C LYS B 40 -11.46 2.50 -36.36
N THR B 41 -12.29 3.43 -35.92
CA THR B 41 -12.12 4.85 -36.25
C THR B 41 -10.77 5.39 -35.79
N THR B 42 -10.39 5.06 -34.56
CA THR B 42 -9.15 5.56 -33.98
C THR B 42 -7.92 4.95 -34.67
N ILE B 43 -7.97 3.64 -34.94
CA ILE B 43 -6.90 2.99 -35.70
C ILE B 43 -6.67 3.68 -37.05
N GLU B 44 -7.76 3.86 -37.80
CA GLU B 44 -7.65 4.36 -39.16
C GLU B 44 -7.24 5.81 -39.22
N LEU B 45 -7.62 6.56 -38.19
CA LEU B 45 -7.20 7.95 -38.05
C LEU B 45 -5.75 8.12 -37.60
N GLU B 46 -5.31 7.32 -36.63
CA GLU B 46 -4.05 7.55 -35.91
C GLU B 46 -2.89 6.66 -36.35
N THR B 47 -3.18 5.69 -37.21
CA THR B 47 -2.17 4.75 -37.71
C THR B 47 -2.24 4.69 -39.25
N PRO B 48 -1.18 4.16 -39.88
CA PRO B 48 -1.22 3.91 -41.32
C PRO B 48 -1.98 2.64 -41.70
N TYR B 49 -2.57 1.98 -40.70
CA TYR B 49 -3.26 0.70 -40.93
C TYR B 49 -4.78 0.85 -40.96
N SER B 50 -5.43 -0.08 -41.64
CA SER B 50 -6.88 -0.21 -41.60
C SER B 50 -7.25 -1.19 -40.49
N ALA B 51 -8.52 -1.20 -40.09
CA ALA B 51 -9.02 -2.18 -39.12
C ALA B 51 -8.69 -3.62 -39.56
N ARG B 52 -8.89 -3.91 -40.85
CA ARG B 52 -8.57 -5.23 -41.41
C ARG B 52 -7.09 -5.61 -41.28
N ASP B 53 -6.20 -4.64 -41.48
CA ASP B 53 -4.74 -4.83 -41.27
C ASP B 53 -4.42 -5.23 -39.84
N VAL B 54 -5.02 -4.53 -38.89
CA VAL B 54 -4.82 -4.83 -37.48
C VAL B 54 -5.41 -6.21 -37.12
N ALA B 55 -6.60 -6.51 -37.66
CA ALA B 55 -7.22 -7.83 -37.49
C ALA B 55 -6.27 -8.96 -37.92
N ALA B 56 -5.56 -8.73 -39.03
CA ALA B 56 -4.58 -9.68 -39.58
C ALA B 56 -3.36 -9.88 -38.68
N LEU B 57 -3.18 -9.01 -37.69
CA LEU B 57 -2.09 -9.10 -36.70
C LEU B 57 -2.42 -10.09 -35.59
N ALA B 58 -3.67 -10.53 -35.51
CA ALA B 58 -4.10 -11.42 -34.44
C ALA B 58 -4.52 -12.78 -34.99
N ASP B 59 -4.42 -13.80 -34.14
CA ASP B 59 -4.85 -15.15 -34.50
C ASP B 59 -6.35 -15.25 -34.70
N PHE B 60 -7.10 -14.54 -33.85
CA PHE B 60 -8.54 -14.44 -34.00
C PHE B 60 -8.94 -12.99 -33.82
N SER B 61 -9.92 -12.53 -34.59
CA SER B 61 -10.48 -11.20 -34.44
C SER B 61 -11.98 -11.36 -34.30
N HIS B 62 -12.49 -11.22 -33.09
CA HIS B 62 -13.92 -11.40 -32.84
C HIS B 62 -14.67 -10.09 -33.06
N ASN B 63 -15.90 -10.20 -33.56
CA ASN B 63 -16.76 -9.04 -33.72
C ASN B 63 -17.16 -8.50 -32.34
N PRO B 64 -17.07 -7.18 -32.14
CA PRO B 64 -17.38 -6.59 -30.82
C PRO B 64 -18.83 -6.76 -30.36
N ALA B 65 -19.71 -7.26 -31.22
CA ALA B 65 -21.12 -7.54 -30.86
C ALA B 65 -21.39 -9.03 -30.61
N ASP B 66 -20.38 -9.86 -30.76
CA ASP B 66 -20.57 -11.30 -30.75
C ASP B 66 -20.49 -11.92 -29.35
N GLN B 67 -21.61 -11.93 -28.64
CA GLN B 67 -21.69 -12.49 -27.29
C GLN B 67 -21.65 -14.03 -27.28
N ALA B 68 -21.50 -14.63 -28.45
CA ALA B 68 -21.40 -16.08 -28.58
C ALA B 68 -19.98 -16.53 -28.95
N ALA B 69 -19.06 -15.59 -29.04
CA ALA B 69 -17.65 -15.88 -29.32
C ALA B 69 -17.09 -16.85 -28.28
N THR B 70 -16.04 -17.58 -28.63
CA THR B 70 -15.41 -18.50 -27.67
C THR B 70 -15.09 -17.79 -26.34
N ILE B 71 -14.54 -16.58 -26.43
CA ILE B 71 -14.07 -15.84 -25.25
C ILE B 71 -15.19 -15.29 -24.35
N SER B 72 -16.44 -15.40 -24.81
CA SER B 72 -17.59 -14.96 -24.06
C SER B 72 -17.91 -15.94 -22.93
N SER B 73 -17.34 -17.13 -23.00
CA SER B 73 -17.61 -18.16 -22.02
C SER B 73 -16.41 -18.41 -21.10
N GLY B 74 -16.71 -18.59 -19.81
CA GLY B 74 -15.69 -18.84 -18.81
C GLY B 74 -15.10 -20.23 -18.90
N SER B 75 -15.82 -21.13 -19.57
CA SER B 75 -15.35 -22.50 -19.81
C SER B 75 -14.20 -22.53 -20.81
N PHE B 76 -14.11 -21.50 -21.64
CA PHE B 76 -13.00 -21.36 -22.58
C PHE B 76 -11.82 -20.70 -21.83
N ARG B 77 -10.76 -21.48 -21.60
CA ARG B 77 -9.63 -21.00 -20.79
C ARG B 77 -8.74 -20.02 -21.55
N THR B 78 -8.40 -18.91 -20.87
CA THR B 78 -7.40 -17.95 -21.33
C THR B 78 -6.50 -17.57 -20.17
N ASP B 79 -5.42 -16.88 -20.46
CA ASP B 79 -4.50 -16.41 -19.45
C ASP B 79 -4.81 -15.00 -18.99
N GLY B 80 -5.81 -14.38 -19.62
CA GLY B 80 -6.23 -13.05 -19.25
C GLY B 80 -6.48 -12.13 -20.42
N ILE B 82 -5.98 -7.83 -21.99
CA ILE B 82 -5.50 -6.46 -21.99
C ILE B 82 -6.48 -5.60 -22.80
N VAL B 83 -6.87 -4.45 -22.26
CA VAL B 83 -7.62 -3.49 -23.06
C VAL B 83 -6.68 -2.31 -23.27
N ILE B 84 -6.36 -2.04 -24.54
CA ILE B 84 -5.33 -1.07 -24.91
C ILE B 84 -5.66 -0.34 -26.23
N PRO B 85 -5.87 0.97 -26.19
CA PRO B 85 -6.05 1.72 -24.94
C PRO B 85 -7.47 1.48 -24.45
N CYS B 86 -7.73 1.82 -23.20
CA CYS B 86 -9.07 1.62 -22.62
C CYS B 86 -9.74 2.97 -22.41
N SER B 87 -10.85 3.20 -23.11
CA SER B 87 -11.66 4.41 -22.94
C SER B 87 -12.36 4.44 -21.60
N LYS B 89 -15.50 5.10 -21.23
CA LYS B 89 -16.77 4.38 -21.48
C LYS B 89 -16.65 2.87 -21.21
N THR B 90 -15.62 2.24 -21.81
CA THR B 90 -15.37 0.82 -21.60
C THR B 90 -15.00 0.49 -20.14
N LEU B 91 -14.12 1.29 -19.55
CA LEU B 91 -13.74 1.17 -18.15
C LEU B 91 -15.00 1.19 -17.27
N ALA B 92 -15.87 2.15 -17.53
CA ALA B 92 -17.08 2.36 -16.75
C ALA B 92 -18.02 1.16 -16.84
N GLY B 93 -18.13 0.61 -18.05
CA GLY B 93 -19.00 -0.54 -18.30
C GLY B 93 -18.50 -1.77 -17.57
N ILE B 94 -17.19 -1.97 -17.59
CA ILE B 94 -16.56 -3.08 -16.87
C ILE B 94 -16.80 -2.96 -15.36
N ARG B 95 -16.61 -1.76 -14.82
CA ARG B 95 -16.82 -1.52 -13.39
C ARG B 95 -18.26 -1.77 -13.00
N ALA B 96 -19.19 -1.33 -13.84
CA ALA B 96 -20.63 -1.47 -13.57
C ALA B 96 -21.11 -2.90 -13.78
N GLY B 97 -20.34 -3.64 -14.59
CA GLY B 97 -20.70 -4.98 -15.04
C GLY B 97 -21.68 -4.99 -16.19
N TYR B 98 -21.84 -3.84 -16.85
CA TYR B 98 -22.82 -3.72 -17.94
C TYR B 98 -22.25 -4.26 -19.26
N ALA B 99 -22.24 -5.58 -19.39
CA ALA B 99 -21.49 -6.29 -20.42
C ALA B 99 -22.29 -6.42 -21.72
N ASP B 100 -22.49 -5.29 -22.38
CA ASP B 100 -23.42 -5.16 -23.50
C ASP B 100 -22.80 -5.51 -24.87
N GLY B 101 -21.47 -5.56 -24.92
CA GLY B 101 -20.76 -6.08 -26.09
C GLY B 101 -19.66 -7.00 -25.61
N LEU B 102 -18.87 -7.50 -26.57
CA LEU B 102 -17.86 -8.50 -26.30
C LEU B 102 -16.63 -8.01 -25.54
N VAL B 103 -16.23 -6.76 -25.74
CA VAL B 103 -15.15 -6.21 -24.91
C VAL B 103 -15.59 -6.32 -23.44
N GLY B 104 -16.78 -5.82 -23.15
CA GLY B 104 -17.33 -5.84 -21.80
C GLY B 104 -17.61 -7.23 -21.26
N ARG B 105 -18.15 -8.11 -22.09
CA ARG B 105 -18.41 -9.50 -21.69
C ARG B 105 -17.13 -10.29 -21.41
N ALA B 106 -16.16 -10.21 -22.31
CA ALA B 106 -14.87 -10.90 -22.12
C ALA B 106 -14.21 -10.46 -20.82
N ALA B 107 -14.29 -9.16 -20.53
CA ALA B 107 -13.74 -8.58 -19.29
C ALA B 107 -14.44 -9.11 -18.05
N ASP B 108 -15.77 -9.12 -18.09
CA ASP B 108 -16.60 -9.65 -17.00
C ASP B 108 -16.32 -11.12 -16.73
N VAL B 109 -16.08 -11.87 -17.81
CA VAL B 109 -15.77 -13.29 -17.73
C VAL B 109 -14.37 -13.50 -17.14
N VAL B 110 -13.40 -12.72 -17.61
CA VAL B 110 -12.04 -12.77 -17.08
C VAL B 110 -12.08 -12.54 -15.57
N LEU B 111 -12.82 -11.52 -15.13
CA LEU B 111 -12.93 -11.17 -13.71
C LEU B 111 -13.62 -12.26 -12.90
N LYS B 112 -14.66 -12.87 -13.47
CA LYS B 112 -15.38 -13.89 -12.72
C LYS B 112 -14.59 -15.20 -12.63
N GLU B 113 -13.70 -15.44 -13.58
CA GLU B 113 -12.89 -16.66 -13.56
C GLU B 113 -11.59 -16.49 -12.75
N GLY B 114 -11.41 -15.30 -12.17
CA GLY B 114 -10.16 -14.97 -11.45
C GLY B 114 -8.94 -14.83 -12.36
N ARG B 115 -9.17 -14.56 -13.65
CA ARG B 115 -8.05 -14.37 -14.59
C ARG B 115 -7.52 -12.94 -14.57
N LYS B 116 -6.33 -12.74 -15.14
CA LYS B 116 -5.69 -11.43 -15.10
C LYS B 116 -6.32 -10.43 -16.07
N LEU B 117 -6.76 -9.28 -15.54
CA LEU B 117 -7.19 -8.19 -16.40
C LEU B 117 -6.25 -6.98 -16.27
N VAL B 118 -5.77 -6.51 -17.41
CA VAL B 118 -4.86 -5.38 -17.45
C VAL B 118 -5.47 -4.31 -18.35
N LEU B 119 -5.66 -3.13 -17.79
CA LEU B 119 -6.26 -2.02 -18.52
C LEU B 119 -5.25 -0.93 -18.77
N VAL B 120 -5.32 -0.33 -19.95
CA VAL B 120 -4.48 0.81 -20.33
C VAL B 120 -5.39 2.04 -20.47
N PRO B 121 -5.84 2.59 -19.33
CA PRO B 121 -6.79 3.69 -19.35
C PRO B 121 -6.15 4.95 -19.87
N ARG B 122 -6.84 5.63 -20.79
CA ARG B 122 -6.32 6.87 -21.34
C ARG B 122 -7.44 7.91 -21.41
N GLU B 123 -7.24 8.99 -20.68
CA GLU B 123 -8.12 10.16 -20.64
C GLU B 123 -7.42 11.23 -19.83
N PRO B 125 -8.26 15.59 -18.56
CA PRO B 125 -8.03 15.18 -17.17
C PRO B 125 -8.86 13.98 -16.79
N LEU B 126 -8.58 13.43 -15.61
CA LEU B 126 -9.36 12.33 -15.07
C LEU B 126 -10.32 12.90 -14.05
N SER B 127 -11.61 12.65 -14.27
CA SER B 127 -12.66 13.16 -13.39
C SER B 127 -12.88 12.22 -12.20
N THR B 128 -13.75 12.66 -11.30
CA THR B 128 -14.10 11.90 -10.10
C THR B 128 -14.69 10.53 -10.46
N ILE B 129 -15.53 10.51 -11.50
CA ILE B 129 -16.18 9.29 -11.96
C ILE B 129 -15.12 8.33 -12.51
N HIS B 130 -14.23 8.83 -13.35
CA HIS B 130 -13.14 8.03 -13.88
C HIS B 130 -12.32 7.42 -12.76
N LEU B 131 -12.03 8.21 -11.75
CA LEU B 131 -11.16 7.76 -10.66
C LEU B 131 -11.88 6.74 -9.73
N GLU B 132 -13.17 6.97 -9.49
CA GLU B 132 -14.05 6.03 -8.78
C GLU B 132 -14.07 4.66 -9.43
N ASN B 133 -14.19 4.65 -10.76
CA ASN B 133 -14.30 3.42 -11.52
C ASN B 133 -12.98 2.67 -11.53
N LEU B 135 -10.49 3.06 -9.30
CA LEU B 135 -10.25 2.59 -7.93
C LEU B 135 -11.00 1.29 -7.60
N ALA B 136 -12.30 1.23 -7.92
CA ALA B 136 -13.10 0.04 -7.62
C ALA B 136 -12.52 -1.23 -8.27
N LEU B 137 -12.11 -1.11 -9.54
CA LEU B 137 -11.46 -2.23 -10.26
C LEU B 137 -10.05 -2.54 -9.77
N SER B 138 -9.27 -1.52 -9.41
CA SER B 138 -7.98 -1.74 -8.74
C SER B 138 -8.10 -2.59 -7.47
N ARG B 139 -9.10 -2.29 -6.63
CA ARG B 139 -9.38 -3.06 -5.40
C ARG B 139 -9.64 -4.56 -5.68
N GLY B 141 -7.99 -6.12 -8.05
CA GLY B 141 -6.76 -6.67 -8.60
C GLY B 141 -6.58 -6.40 -10.08
N VAL B 142 -7.37 -5.49 -10.66
CA VAL B 142 -7.19 -5.10 -12.06
C VAL B 142 -5.99 -4.15 -12.16
N ALA B 143 -5.04 -4.49 -13.03
CA ALA B 143 -3.86 -3.65 -13.22
C ALA B 143 -4.22 -2.41 -14.01
N VAL B 145 -2.60 0.44 -16.05
CA VAL B 145 -1.34 0.77 -16.70
C VAL B 145 -1.58 1.89 -17.72
N PRO B 146 -1.79 3.11 -17.24
CA PRO B 146 -2.02 4.26 -18.11
C PRO B 146 -0.75 4.53 -18.93
N PRO B 147 -0.87 5.04 -20.15
CA PRO B 147 0.32 5.36 -20.97
C PRO B 147 1.03 6.62 -20.49
N PRO B 149 4.22 8.74 -20.09
CA PRO B 149 5.58 8.87 -20.63
C PRO B 149 6.65 8.88 -19.54
N ALA B 150 7.74 8.17 -19.82
CA ALA B 150 8.91 8.17 -18.97
C ALA B 150 9.99 8.96 -19.68
N PHE B 151 10.65 9.87 -18.97
CA PHE B 151 11.66 10.73 -19.56
C PHE B 151 13.07 10.39 -19.09
N TYR B 152 13.18 9.53 -18.08
CA TYR B 152 14.49 9.20 -17.52
C TYR B 152 15.40 8.48 -18.52
N ASN B 153 14.80 7.86 -19.53
CA ASN B 153 15.54 7.13 -20.57
C ASN B 153 15.70 7.93 -21.87
N HIS B 154 15.49 9.23 -21.75
CA HIS B 154 15.69 10.21 -22.84
C HIS B 154 15.07 9.82 -24.18
N PRO B 155 13.75 9.66 -24.22
CA PRO B 155 13.05 9.40 -25.48
C PRO B 155 13.12 10.59 -26.43
N GLU B 156 13.08 10.32 -27.72
CA GLU B 156 13.12 11.39 -28.73
C GLU B 156 11.85 11.42 -29.56
N THR B 157 11.34 10.24 -29.89
CA THR B 157 10.19 10.11 -30.78
C THR B 157 8.99 9.54 -30.05
N VAL B 158 7.81 9.69 -30.66
CA VAL B 158 6.58 9.08 -30.18
C VAL B 158 6.71 7.55 -30.11
N ASP B 159 7.42 6.96 -31.06
CA ASP B 159 7.74 5.52 -31.04
C ASP B 159 8.45 5.07 -29.77
N ASP B 160 9.36 5.90 -29.25
CA ASP B 160 10.10 5.62 -28.02
C ASP B 160 9.16 5.47 -26.83
N ILE B 161 8.24 6.41 -26.69
CA ILE B 161 7.24 6.41 -25.61
C ILE B 161 6.29 5.23 -25.76
N VAL B 162 5.81 5.00 -26.97
CA VAL B 162 4.92 3.87 -27.27
C VAL B 162 5.59 2.53 -26.93
N HIS B 163 6.85 2.37 -27.35
CA HIS B 163 7.63 1.16 -27.06
C HIS B 163 7.73 0.91 -25.57
N HIS B 164 7.97 1.97 -24.80
CA HIS B 164 8.12 1.86 -23.35
C HIS B 164 6.83 1.38 -22.67
N VAL B 165 5.71 1.99 -23.04
CA VAL B 165 4.40 1.59 -22.49
C VAL B 165 4.08 0.13 -22.80
N VAL B 166 4.30 -0.27 -24.04
CA VAL B 166 4.04 -1.66 -24.48
C VAL B 166 4.87 -2.66 -23.67
N ALA B 167 6.15 -2.34 -23.49
CA ALA B 167 7.05 -3.19 -22.71
C ALA B 167 6.51 -3.41 -21.29
N ARG B 168 5.98 -2.35 -20.70
CA ARG B 168 5.43 -2.41 -19.35
C ARG B 168 4.10 -3.15 -19.27
N VAL B 169 3.27 -3.04 -20.31
CA VAL B 169 2.04 -3.83 -20.39
C VAL B 169 2.40 -5.32 -20.53
N LEU B 170 3.30 -5.63 -21.47
CA LEU B 170 3.86 -6.98 -21.62
C LEU B 170 4.37 -7.57 -20.30
N ASP B 171 5.00 -6.73 -19.48
CA ASP B 171 5.54 -7.12 -18.18
C ASP B 171 4.52 -7.76 -17.24
N GLN B 172 3.27 -7.32 -17.35
CA GLN B 172 2.18 -7.81 -16.51
C GLN B 172 1.93 -9.29 -16.71
N PHE B 173 2.34 -9.80 -17.87
CA PHE B 173 2.18 -11.22 -18.20
C PHE B 173 3.52 -11.95 -18.30
N GLY B 174 4.54 -11.39 -17.66
CA GLY B 174 5.89 -11.98 -17.67
C GLY B 174 6.52 -12.01 -19.04
N LEU B 175 5.93 -11.28 -19.99
CA LEU B 175 6.44 -11.23 -21.36
C LEU B 175 7.43 -10.08 -21.48
N GLU B 176 8.43 -10.25 -22.34
CA GLU B 176 9.52 -9.29 -22.47
C GLU B 176 9.42 -8.48 -23.77
N LYS C 2 15.31 -12.36 -6.01
CA LYS C 2 15.67 -11.02 -5.54
C LYS C 2 14.67 -10.52 -4.50
N LEU C 3 15.16 -10.31 -3.27
CA LEU C 3 14.33 -9.87 -2.17
C LEU C 3 14.83 -8.58 -1.55
N ILE C 4 13.91 -7.67 -1.31
CA ILE C 4 14.18 -6.45 -0.58
C ILE C 4 13.86 -6.71 0.89
N VAL C 5 14.80 -6.36 1.77
CA VAL C 5 14.60 -6.49 3.19
C VAL C 5 14.73 -5.11 3.80
N GLY C 6 13.61 -4.56 4.26
CA GLY C 6 13.63 -3.29 4.94
C GLY C 6 13.72 -3.55 6.43
N THR C 8 13.46 -1.45 10.17
CA THR C 8 12.76 -0.30 10.68
C THR C 8 12.90 -0.30 12.20
N GLY C 9 12.79 0.89 12.79
CA GLY C 9 13.11 1.11 14.21
C GLY C 9 12.06 0.70 15.23
N ALA C 10 11.41 -0.44 15.00
CA ALA C 10 10.60 -1.07 16.03
C ALA C 10 11.52 -1.97 16.84
N THR C 11 11.21 -2.18 18.13
CA THR C 11 11.95 -3.15 18.91
C THR C 11 11.79 -4.52 18.23
N GLY C 12 12.87 -5.28 18.14
CA GLY C 12 12.84 -6.54 17.39
C GLY C 12 13.82 -6.56 16.22
N ALA C 13 14.88 -5.78 16.33
CA ALA C 13 15.99 -5.88 15.39
C ALA C 13 16.59 -7.29 15.27
N PRO C 14 16.61 -8.08 16.36
CA PRO C 14 16.99 -9.50 16.27
C PRO C 14 16.17 -10.31 15.29
N LEU C 15 14.92 -9.90 15.03
CA LEU C 15 14.10 -10.58 14.04
C LEU C 15 14.66 -10.30 12.66
N GLY C 16 15.05 -9.05 12.42
CA GLY C 16 15.62 -8.65 11.14
C GLY C 16 17.00 -9.24 10.88
N VAL C 17 17.86 -9.19 11.89
CA VAL C 17 19.21 -9.77 11.79
C VAL C 17 19.14 -11.27 11.52
N ALA C 18 18.28 -11.98 12.26
CA ALA C 18 18.09 -13.42 12.06
C ALA C 18 17.56 -13.78 10.67
N LEU C 19 16.65 -12.96 10.14
CA LEU C 19 16.14 -13.20 8.78
C LEU C 19 17.25 -13.10 7.74
N LEU C 20 18.08 -12.07 7.86
CA LEU C 20 19.21 -11.85 6.97
C LEU C 20 20.28 -12.95 7.06
N GLN C 21 20.51 -13.46 8.25
CA GLN C 21 21.39 -14.61 8.45
C GLN C 21 20.85 -15.85 7.76
N ALA C 22 19.55 -16.09 7.88
CA ALA C 22 18.89 -17.24 7.25
C ALA C 22 18.88 -17.17 5.72
N LEU C 23 18.72 -15.95 5.19
CA LEU C 23 18.79 -15.69 3.76
C LEU C 23 20.20 -15.88 3.21
N ARG C 24 21.21 -15.52 4.00
CA ARG C 24 22.62 -15.67 3.63
C ARG C 24 23.03 -17.14 3.54
N GLU C 25 22.21 -18.02 4.12
CA GLU C 25 22.39 -19.46 3.99
C GLU C 25 21.74 -20.00 2.73
N PRO C 27 22.13 -19.45 -1.17
CA PRO C 27 23.02 -18.85 -2.17
C PRO C 27 22.30 -18.30 -3.40
N ASN C 28 21.08 -18.78 -3.66
CA ASN C 28 20.29 -18.33 -4.80
C ASN C 28 19.55 -16.99 -4.59
N VAL C 29 19.59 -16.45 -3.37
CA VAL C 29 18.84 -15.23 -3.05
C VAL C 29 19.73 -13.99 -3.02
N GLU C 30 19.42 -13.02 -3.88
CA GLU C 30 20.07 -11.72 -3.85
C GLU C 30 19.29 -10.78 -2.94
N THR C 31 19.91 -10.32 -1.86
CA THR C 31 19.24 -9.48 -0.88
C THR C 31 19.58 -8.00 -1.03
N HIS C 32 18.54 -7.17 -0.99
CA HIS C 32 18.70 -5.72 -1.05
C HIS C 32 18.18 -5.17 0.27
N LEU C 33 19.11 -4.76 1.13
CA LEU C 33 18.81 -4.24 2.45
C LEU C 33 18.61 -2.73 2.43
N VAL C 34 17.62 -2.27 3.18
CA VAL C 34 17.46 -0.86 3.48
C VAL C 34 17.18 -0.74 4.98
N SER C 36 16.57 1.68 8.05
CA SER C 36 16.20 3.04 8.38
C SER C 36 17.18 3.63 9.42
N LYS C 37 17.13 4.94 9.56
CA LYS C 37 17.95 5.64 10.55
C LYS C 37 17.76 5.03 11.95
N TRP C 38 16.50 4.83 12.36
CA TRP C 38 16.22 4.28 13.67
C TRP C 38 16.42 2.77 13.79
N ALA C 39 16.45 2.08 12.65
CA ALA C 39 16.79 0.66 12.63
C ALA C 39 18.24 0.43 13.06
N LYS C 40 19.11 1.40 12.75
CA LYS C 40 20.52 1.33 13.13
C LYS C 40 20.67 1.48 14.64
N THR C 41 19.90 2.40 15.22
CA THR C 41 19.83 2.56 16.67
C THR C 41 19.37 1.28 17.35
N THR C 42 18.32 0.66 16.79
CA THR C 42 17.73 -0.54 17.36
C THR C 42 18.68 -1.76 17.26
N ILE C 43 19.29 -1.94 16.09
CA ILE C 43 20.29 -3.00 15.88
C ILE C 43 21.40 -2.93 16.93
N GLU C 44 21.89 -1.72 17.21
CA GLU C 44 23.02 -1.54 18.10
C GLU C 44 22.66 -1.67 19.59
N LEU C 45 21.38 -1.51 19.90
CA LEU C 45 20.90 -1.65 21.27
C LEU C 45 20.50 -3.09 21.58
N GLU C 46 20.02 -3.81 20.57
CA GLU C 46 19.38 -5.11 20.78
C GLU C 46 20.14 -6.33 20.27
N THR C 47 21.13 -6.11 19.40
CA THR C 47 21.93 -7.21 18.86
C THR C 47 23.42 -7.01 19.18
N PRO C 48 24.21 -8.08 19.07
CA PRO C 48 25.67 -7.97 19.20
C PRO C 48 26.33 -7.17 18.06
N TYR C 49 25.56 -6.84 17.03
CA TYR C 49 26.11 -6.31 15.77
C TYR C 49 26.08 -4.79 15.64
N SER C 50 26.92 -4.29 14.75
CA SER C 50 26.89 -2.88 14.35
C SER C 50 26.13 -2.80 13.02
N ALA C 51 25.75 -1.58 12.63
CA ALA C 51 25.10 -1.34 11.34
C ALA C 51 25.91 -1.92 10.17
N ARG C 52 27.24 -1.74 10.21
CA ARG C 52 28.14 -2.28 9.17
C ARG C 52 28.10 -3.80 9.10
N ASP C 53 28.06 -4.44 10.26
CA ASP C 53 27.98 -5.90 10.34
C ASP C 53 26.72 -6.41 9.65
N VAL C 54 25.59 -5.75 9.95
CA VAL C 54 24.30 -6.13 9.37
C VAL C 54 24.28 -5.85 7.86
N ALA C 55 24.81 -4.70 7.45
CA ALA C 55 24.93 -4.37 6.02
C ALA C 55 25.70 -5.45 5.25
N ALA C 56 26.73 -6.00 5.87
CA ALA C 56 27.58 -7.03 5.27
C ALA C 56 26.90 -8.40 5.17
N LEU C 57 25.71 -8.54 5.76
CA LEU C 57 24.90 -9.75 5.65
C LEU C 57 24.10 -9.82 4.34
N ALA C 58 24.01 -8.68 3.66
CA ALA C 58 23.26 -8.59 2.42
C ALA C 58 24.16 -8.26 1.23
N ASP C 59 23.72 -8.62 0.03
CA ASP C 59 24.44 -8.31 -1.21
C ASP C 59 24.49 -6.82 -1.48
N PHE C 60 23.40 -6.12 -1.17
CA PHE C 60 23.35 -4.67 -1.30
C PHE C 60 22.73 -4.06 -0.05
N SER C 61 23.25 -2.91 0.34
CA SER C 61 22.68 -2.14 1.42
C SER C 61 22.51 -0.70 0.94
N HIS C 62 21.28 -0.33 0.60
CA HIS C 62 21.00 0.98 0.03
C HIS C 62 20.75 2.02 1.11
N ASN C 63 21.13 3.27 0.84
CA ASN C 63 20.90 4.38 1.77
C ASN C 63 19.41 4.70 1.87
N PRO C 64 18.85 4.75 3.09
CA PRO C 64 17.41 4.94 3.25
C PRO C 64 16.85 6.26 2.71
N ALA C 65 17.74 7.18 2.32
CA ALA C 65 17.36 8.43 1.67
C ALA C 65 17.46 8.37 0.14
N ASP C 66 18.06 7.31 -0.39
CA ASP C 66 18.41 7.28 -1.81
C ASP C 66 17.27 6.84 -2.74
N GLN C 67 16.46 7.80 -3.15
CA GLN C 67 15.32 7.52 -4.05
C GLN C 67 15.73 7.17 -5.48
N ALA C 68 17.05 7.19 -5.75
CA ALA C 68 17.59 6.78 -7.05
C ALA C 68 18.18 5.37 -7.07
N ALA C 69 18.15 4.66 -5.94
CA ALA C 69 18.60 3.26 -5.89
C ALA C 69 17.87 2.39 -6.90
N THR C 70 18.47 1.25 -7.25
CA THR C 70 17.87 0.33 -8.24
C THR C 70 16.44 -0.05 -7.89
N ILE C 71 16.20 -0.34 -6.62
CA ILE C 71 14.91 -0.87 -6.17
C ILE C 71 13.79 0.19 -6.09
N SER C 72 14.16 1.45 -6.32
CA SER C 72 13.20 2.54 -6.49
C SER C 72 12.54 2.50 -7.88
N SER C 73 13.14 1.77 -8.81
CA SER C 73 12.57 1.63 -10.14
C SER C 73 11.73 0.37 -10.24
N GLY C 74 10.56 0.50 -10.86
CA GLY C 74 9.67 -0.63 -11.09
C GLY C 74 10.23 -1.64 -12.07
N SER C 75 10.92 -1.13 -13.10
CA SER C 75 11.50 -1.97 -14.15
C SER C 75 12.58 -2.92 -13.62
N PHE C 76 13.16 -2.57 -12.48
CA PHE C 76 14.10 -3.44 -11.78
C PHE C 76 13.32 -4.57 -11.09
N ARG C 77 13.35 -5.75 -11.70
CA ARG C 77 12.55 -6.90 -11.28
C ARG C 77 13.01 -7.46 -9.92
N THR C 78 12.08 -7.54 -8.97
CA THR C 78 12.31 -8.27 -7.72
C THR C 78 11.15 -9.23 -7.46
N ASP C 79 11.35 -10.13 -6.50
CA ASP C 79 10.32 -11.08 -6.10
C ASP C 79 9.54 -10.59 -4.90
N GLY C 80 9.87 -9.38 -4.42
CA GLY C 80 9.10 -8.78 -3.35
C GLY C 80 9.93 -8.25 -2.23
N ILE C 82 10.21 -7.67 2.30
CA ILE C 82 9.86 -7.89 3.70
C ILE C 82 10.30 -6.66 4.48
N VAL C 83 9.42 -6.12 5.33
CA VAL C 83 9.84 -5.10 6.30
C VAL C 83 9.82 -5.78 7.67
N ILE C 84 10.99 -5.92 8.27
CA ILE C 84 11.16 -6.69 9.51
C ILE C 84 12.23 -6.05 10.42
N PRO C 85 11.84 -5.57 11.60
CA PRO C 85 10.45 -5.43 11.98
C PRO C 85 9.90 -4.17 11.34
N CYS C 86 8.58 -4.00 11.34
CA CYS C 86 7.94 -2.82 10.75
C CYS C 86 7.28 -1.95 11.83
N SER C 87 7.82 -0.75 12.06
CA SER C 87 7.22 0.20 12.99
C SER C 87 5.87 0.67 12.48
N LYS C 89 4.99 3.84 12.27
CA LYS C 89 5.22 4.98 11.40
C LYS C 89 5.53 4.55 9.95
N THR C 90 6.40 3.56 9.78
CA THR C 90 6.66 3.04 8.42
C THR C 90 5.40 2.43 7.81
N LEU C 91 4.68 1.61 8.59
CA LEU C 91 3.42 1.03 8.18
C LEU C 91 2.46 2.14 7.73
N ALA C 92 2.42 3.22 8.49
CA ALA C 92 1.52 4.34 8.22
C ALA C 92 1.88 5.05 6.90
N GLY C 93 3.18 5.27 6.70
CA GLY C 93 3.70 5.88 5.47
C GLY C 93 3.37 5.07 4.22
N ILE C 94 3.59 3.76 4.31
CA ILE C 94 3.24 2.86 3.21
C ILE C 94 1.73 2.89 2.89
N ARG C 95 0.89 2.76 3.92
CA ARG C 95 -0.57 2.80 3.73
C ARG C 95 -1.04 4.11 3.10
N ALA C 96 -0.49 5.22 3.59
CA ALA C 96 -0.80 6.57 3.07
C ALA C 96 -0.21 6.84 1.67
N GLY C 97 0.86 6.11 1.34
CA GLY C 97 1.60 6.32 0.09
C GLY C 97 2.65 7.42 0.17
N TYR C 98 2.96 7.86 1.39
CA TYR C 98 3.90 8.97 1.58
C TYR C 98 5.32 8.45 1.51
N ALA C 99 5.79 8.26 0.29
CA ALA C 99 7.04 7.54 0.03
C ALA C 99 8.21 8.51 0.14
N ASP C 100 8.48 8.95 1.37
CA ASP C 100 9.46 10.01 1.64
C ASP C 100 10.91 9.56 1.51
N GLY C 101 11.14 8.27 1.77
CA GLY C 101 12.48 7.67 1.70
C GLY C 101 12.40 6.36 0.95
N LEU C 102 13.51 5.62 0.93
CA LEU C 102 13.59 4.39 0.15
C LEU C 102 12.75 3.23 0.68
N VAL C 103 12.67 3.04 1.99
CA VAL C 103 11.80 1.98 2.52
C VAL C 103 10.38 2.20 1.95
N GLY C 104 9.89 3.43 2.05
CA GLY C 104 8.56 3.80 1.56
C GLY C 104 8.43 3.71 0.06
N ARG C 105 9.41 4.24 -0.66
CA ARG C 105 9.42 4.19 -2.11
C ARG C 105 9.49 2.76 -2.67
N ALA C 106 10.36 1.94 -2.10
CA ALA C 106 10.49 0.54 -2.49
C ALA C 106 9.17 -0.25 -2.28
N ALA C 107 8.52 -0.02 -1.14
CA ALA C 107 7.22 -0.61 -0.84
C ALA C 107 6.14 -0.15 -1.81
N ASP C 108 6.10 1.16 -2.11
CA ASP C 108 5.10 1.73 -3.01
C ASP C 108 5.25 1.16 -4.41
N VAL C 109 6.49 0.92 -4.77
CA VAL C 109 6.84 0.32 -6.05
C VAL C 109 6.47 -1.16 -6.09
N VAL C 110 6.80 -1.90 -5.03
CA VAL C 110 6.42 -3.30 -4.95
C VAL C 110 4.91 -3.47 -5.17
N LEU C 111 4.12 -2.62 -4.52
CA LEU C 111 2.65 -2.63 -4.63
C LEU C 111 2.12 -2.28 -6.03
N LYS C 112 2.69 -1.26 -6.68
CA LYS C 112 2.22 -0.87 -8.01
C LYS C 112 2.54 -1.93 -9.04
N GLU C 113 3.65 -2.65 -8.83
CA GLU C 113 4.09 -3.70 -9.74
C GLU C 113 3.43 -5.05 -9.47
N GLY C 114 2.62 -5.09 -8.42
CA GLY C 114 1.91 -6.31 -8.02
C GLY C 114 2.81 -7.37 -7.42
N ARG C 115 3.95 -6.96 -6.88
CA ARG C 115 4.87 -7.89 -6.22
C ARG C 115 4.45 -8.08 -4.76
N LYS C 116 5.05 -9.08 -4.12
CA LYS C 116 4.63 -9.48 -2.80
C LYS C 116 5.27 -8.60 -1.74
N LEU C 117 4.44 -8.01 -0.88
CA LEU C 117 4.93 -7.25 0.26
C LEU C 117 4.56 -7.97 1.54
N VAL C 118 5.56 -8.19 2.39
CA VAL C 118 5.36 -8.81 3.70
C VAL C 118 5.85 -7.86 4.79
N LEU C 119 4.94 -7.50 5.68
CA LEU C 119 5.25 -6.62 6.79
C LEU C 119 5.24 -7.44 8.06
N VAL C 120 6.21 -7.17 8.94
CA VAL C 120 6.27 -7.79 10.26
C VAL C 120 5.97 -6.66 11.28
N PRO C 121 4.70 -6.29 11.43
CA PRO C 121 4.33 -5.15 12.27
C PRO C 121 4.51 -5.45 13.74
N ARG C 122 5.21 -4.57 14.44
CA ARG C 122 5.46 -4.77 15.87
C ARG C 122 5.13 -3.52 16.66
N GLU C 123 4.12 -3.67 17.52
CA GLU C 123 3.65 -2.64 18.43
C GLU C 123 2.65 -3.28 19.39
N PRO C 125 0.12 -1.77 22.95
CA PRO C 125 -1.04 -2.25 22.19
C PRO C 125 -1.14 -1.70 20.76
N LEU C 126 -2.08 -2.26 19.99
CA LEU C 126 -2.40 -1.75 18.65
C LEU C 126 -3.60 -0.82 18.75
N SER C 127 -3.39 0.43 18.35
CA SER C 127 -4.43 1.44 18.40
C SER C 127 -5.37 1.32 17.20
N THR C 128 -6.42 2.13 17.21
CA THR C 128 -7.33 2.22 16.08
C THR C 128 -6.57 2.59 14.81
N ILE C 129 -5.74 3.63 14.88
CA ILE C 129 -4.95 4.05 13.74
C ILE C 129 -4.12 2.90 13.17
N HIS C 130 -3.43 2.16 14.05
CA HIS C 130 -2.57 1.06 13.61
C HIS C 130 -3.39 0.01 12.84
N LEU C 131 -4.57 -0.31 13.37
CA LEU C 131 -5.43 -1.34 12.81
C LEU C 131 -6.07 -0.90 11.50
N GLU C 132 -6.48 0.36 11.43
CA GLU C 132 -6.93 0.98 10.18
C GLU C 132 -5.93 0.77 9.07
N ASN C 133 -4.67 1.11 9.35
CA ASN C 133 -3.60 1.07 8.35
C ASN C 133 -3.28 -0.37 7.96
N LEU C 135 -5.41 -2.94 8.24
CA LEU C 135 -6.56 -3.43 7.49
C LEU C 135 -6.52 -2.99 6.02
N ALA C 136 -6.28 -1.71 5.78
CA ALA C 136 -6.23 -1.16 4.42
C ALA C 136 -5.20 -1.89 3.55
N LEU C 137 -4.00 -2.07 4.08
CA LEU C 137 -2.92 -2.77 3.37
C LEU C 137 -3.25 -4.26 3.18
N SER C 138 -3.83 -4.88 4.21
CA SER C 138 -4.27 -6.27 4.11
C SER C 138 -5.28 -6.53 2.98
N ARG C 139 -6.24 -5.61 2.81
CA ARG C 139 -7.21 -5.69 1.69
C ARG C 139 -6.54 -5.70 0.31
N GLY C 141 -3.69 -7.31 -0.24
CA GLY C 141 -2.90 -8.55 -0.37
C GLY C 141 -1.55 -8.50 0.34
N VAL C 142 -1.30 -7.41 1.09
CA VAL C 142 -0.09 -7.30 1.90
C VAL C 142 -0.17 -8.25 3.08
N ALA C 143 0.79 -9.16 3.22
CA ALA C 143 0.81 -10.09 4.34
C ALA C 143 1.23 -9.41 5.64
N VAL C 145 2.43 -10.33 9.16
CA VAL C 145 3.02 -11.43 9.92
C VAL C 145 3.70 -10.85 11.17
N PRO C 146 2.91 -10.47 12.17
CA PRO C 146 3.44 -9.88 13.40
C PRO C 146 4.24 -10.96 14.15
N PRO C 147 5.22 -10.57 14.96
CA PRO C 147 6.07 -11.56 15.65
C PRO C 147 5.37 -12.16 16.86
N PRO C 149 4.55 -14.96 19.46
CA PRO C 149 5.11 -16.17 20.05
C PRO C 149 4.18 -17.38 19.93
N ALA C 150 4.77 -18.52 19.54
CA ALA C 150 4.07 -19.79 19.55
C ALA C 150 4.60 -20.67 20.69
N PHE C 151 3.70 -21.21 21.49
CA PHE C 151 4.07 -21.99 22.67
C PHE C 151 3.81 -23.49 22.52
N TYR C 152 3.22 -23.90 21.39
CA TYR C 152 2.85 -25.31 21.18
C TYR C 152 4.06 -26.21 20.91
N ASN C 153 5.12 -25.61 20.38
CA ASN C 153 6.36 -26.35 20.10
C ASN C 153 7.38 -26.21 21.24
N HIS C 154 6.88 -25.81 22.41
CA HIS C 154 7.65 -25.71 23.66
C HIS C 154 9.00 -24.99 23.49
N PRO C 155 8.95 -23.68 23.20
CA PRO C 155 10.17 -22.89 23.11
C PRO C 155 10.75 -22.65 24.49
N GLU C 156 12.06 -22.42 24.57
CA GLU C 156 12.69 -22.16 25.86
C GLU C 156 13.37 -20.81 25.92
N THR C 157 13.97 -20.43 24.80
CA THR C 157 14.78 -19.22 24.72
C THR C 157 14.17 -18.19 23.75
N VAL C 158 14.69 -16.97 23.81
CA VAL C 158 14.38 -15.92 22.84
C VAL C 158 14.67 -16.36 21.40
N ASP C 159 15.79 -17.06 21.20
CA ASP C 159 16.19 -17.55 19.88
C ASP C 159 15.15 -18.51 19.28
N ASP C 160 14.50 -19.29 20.14
CA ASP C 160 13.45 -20.21 19.71
C ASP C 160 12.24 -19.46 19.15
N ILE C 161 11.84 -18.40 19.86
CA ILE C 161 10.75 -17.53 19.43
C ILE C 161 11.14 -16.78 18.15
N VAL C 162 12.34 -16.21 18.14
CA VAL C 162 12.89 -15.54 16.96
C VAL C 162 12.90 -16.45 15.74
N HIS C 163 13.47 -17.64 15.89
CA HIS C 163 13.58 -18.62 14.81
C HIS C 163 12.22 -18.99 14.20
N HIS C 164 11.22 -19.16 15.06
CA HIS C 164 9.88 -19.53 14.61
C HIS C 164 9.24 -18.44 13.75
N VAL C 165 9.33 -17.19 14.21
CA VAL C 165 8.83 -16.04 13.45
C VAL C 165 9.50 -15.94 12.06
N VAL C 166 10.83 -16.07 12.05
CA VAL C 166 11.61 -16.01 10.81
C VAL C 166 11.18 -17.07 9.78
N ALA C 167 10.99 -18.30 10.26
CA ALA C 167 10.60 -19.42 9.40
C ALA C 167 9.22 -19.19 8.79
N ARG C 168 8.31 -18.62 9.56
CA ARG C 168 6.97 -18.30 9.07
C ARG C 168 6.98 -17.09 8.11
N VAL C 169 7.86 -16.12 8.37
CA VAL C 169 8.10 -15.02 7.43
C VAL C 169 8.66 -15.57 6.12
N LEU C 170 9.72 -16.36 6.22
CA LEU C 170 10.31 -17.08 5.08
C LEU C 170 9.25 -17.83 4.29
N ASP C 171 8.34 -18.50 5.01
CA ASP C 171 7.26 -19.31 4.44
C ASP C 171 6.39 -18.57 3.43
N GLN C 172 6.32 -17.25 3.57
CA GLN C 172 5.57 -16.39 2.63
C GLN C 172 6.12 -16.45 1.21
N PHE C 173 7.42 -16.72 1.09
CA PHE C 173 8.07 -16.82 -0.22
C PHE C 173 8.46 -18.28 -0.53
N GLY C 174 7.76 -19.21 0.10
CA GLY C 174 7.99 -20.64 -0.06
C GLY C 174 9.42 -21.03 0.21
N LEU C 175 9.99 -20.50 1.30
CA LEU C 175 11.37 -20.76 1.69
C LEU C 175 11.41 -21.46 3.05
N GLU C 176 12.50 -22.21 3.30
CA GLU C 176 12.59 -23.04 4.50
C GLU C 176 13.43 -22.38 5.61
N LYS D 2 -1.57 35.38 -10.42
CA LYS D 2 -0.41 34.81 -9.73
C LYS D 2 -0.57 33.30 -9.62
N LEU D 3 0.37 32.56 -10.20
CA LEU D 3 0.32 31.09 -10.17
C LEU D 3 1.52 30.52 -9.45
N ILE D 4 1.25 29.54 -8.59
CA ILE D 4 2.30 28.75 -7.99
C ILE D 4 2.54 27.51 -8.85
N VAL D 5 3.82 27.22 -9.09
CA VAL D 5 4.24 26.06 -9.87
C VAL D 5 5.15 25.23 -8.97
N GLY D 6 4.64 24.08 -8.54
CA GLY D 6 5.45 23.14 -7.78
C GLY D 6 6.02 22.13 -8.75
N THR D 8 8.25 18.37 -8.85
CA THR D 8 8.39 17.24 -7.98
C THR D 8 9.14 16.09 -8.70
N GLY D 9 9.72 15.18 -7.93
CA GLY D 9 10.66 14.18 -8.45
C GLY D 9 10.06 12.97 -9.16
N ALA D 10 9.01 13.19 -9.95
CA ALA D 10 8.52 12.16 -10.86
C ALA D 10 9.18 12.38 -12.22
N THR D 11 9.39 11.29 -12.95
CA THR D 11 9.93 11.45 -14.29
C THR D 11 8.94 12.33 -15.08
N GLY D 12 9.47 13.24 -15.87
CA GLY D 12 8.61 14.21 -16.55
C GLY D 12 8.96 15.64 -16.22
N ALA D 13 10.22 15.88 -15.84
CA ALA D 13 10.70 17.26 -15.63
C ALA D 13 10.56 18.15 -16.88
N PRO D 14 10.72 17.60 -18.10
CA PRO D 14 10.47 18.38 -19.32
C PRO D 14 9.08 19.01 -19.39
N LEU D 15 8.09 18.36 -18.77
CA LEU D 15 6.73 18.91 -18.66
C LEU D 15 6.72 20.20 -17.83
N GLY D 16 7.45 20.20 -16.72
CA GLY D 16 7.53 21.37 -15.84
C GLY D 16 8.25 22.53 -16.50
N VAL D 17 9.40 22.25 -17.09
CA VAL D 17 10.18 23.27 -17.80
C VAL D 17 9.39 23.91 -18.94
N ALA D 18 8.69 23.09 -19.73
CA ALA D 18 7.88 23.58 -20.84
C ALA D 18 6.72 24.47 -20.37
N LEU D 19 6.06 24.06 -19.29
CA LEU D 19 4.98 24.87 -18.72
C LEU D 19 5.51 26.21 -18.21
N LEU D 20 6.67 26.17 -17.56
CA LEU D 20 7.32 27.39 -17.08
C LEU D 20 7.76 28.30 -18.21
N GLN D 21 8.26 27.70 -19.30
CA GLN D 21 8.61 28.44 -20.51
C GLN D 21 7.39 29.15 -21.11
N ALA D 22 6.29 28.42 -21.27
CA ALA D 22 5.05 28.97 -21.81
C ALA D 22 4.48 30.10 -20.94
N LEU D 23 4.62 29.95 -19.62
CA LEU D 23 4.19 30.97 -18.67
C LEU D 23 5.03 32.25 -18.78
N ARG D 24 6.33 32.07 -19.02
CA ARG D 24 7.27 33.20 -19.20
C ARG D 24 6.87 34.11 -20.37
N GLU D 25 6.20 33.52 -21.35
CA GLU D 25 5.76 34.26 -22.54
C GLU D 25 4.41 34.96 -22.34
N PRO D 27 2.97 37.99 -20.01
CA PRO D 27 3.42 39.06 -19.10
C PRO D 27 2.47 39.34 -17.95
N ASN D 28 1.20 39.02 -18.16
CA ASN D 28 0.15 39.16 -17.14
C ASN D 28 0.23 38.14 -16.01
N VAL D 29 1.20 37.21 -16.11
CA VAL D 29 1.30 36.08 -15.20
C VAL D 29 2.60 36.10 -14.38
N GLU D 30 2.42 36.17 -13.07
CA GLU D 30 3.53 36.10 -12.12
C GLU D 30 3.64 34.67 -11.59
N THR D 31 4.82 34.07 -11.71
CA THR D 31 4.99 32.66 -11.35
C THR D 31 5.84 32.52 -10.09
N HIS D 32 5.35 31.69 -9.17
CA HIS D 32 6.09 31.35 -7.97
C HIS D 32 6.43 29.87 -8.02
N LEU D 33 7.71 29.56 -8.21
CA LEU D 33 8.18 28.19 -8.37
C LEU D 33 8.69 27.60 -7.07
N VAL D 34 8.35 26.34 -6.81
CA VAL D 34 8.96 25.57 -5.74
C VAL D 34 9.41 24.23 -6.30
N SER D 36 11.19 20.68 -5.53
CA SER D 36 11.59 19.77 -4.47
C SER D 36 13.03 19.33 -4.68
N LYS D 37 13.65 18.73 -3.66
CA LYS D 37 15.00 18.17 -3.79
C LYS D 37 15.06 17.20 -4.97
N TRP D 38 14.09 16.30 -5.07
CA TRP D 38 14.12 15.29 -6.12
C TRP D 38 13.79 15.82 -7.52
N ALA D 39 13.03 16.92 -7.60
CA ALA D 39 12.76 17.58 -8.86
C ALA D 39 14.07 18.11 -9.47
N LYS D 40 14.91 18.69 -8.63
CA LYS D 40 16.24 19.18 -9.05
C LYS D 40 17.08 18.08 -9.69
N THR D 41 17.10 16.91 -9.06
CA THR D 41 17.76 15.73 -9.59
C THR D 41 17.17 15.30 -10.94
N THR D 42 15.84 15.33 -11.02
CA THR D 42 15.11 14.89 -12.21
C THR D 42 15.31 15.89 -13.37
N ILE D 43 15.31 17.18 -13.05
CA ILE D 43 15.55 18.24 -14.04
C ILE D 43 16.91 18.05 -14.68
N GLU D 44 17.91 17.83 -13.84
CA GLU D 44 19.29 17.68 -14.28
C GLU D 44 19.48 16.44 -15.15
N LEU D 45 18.85 15.33 -14.76
CA LEU D 45 18.88 14.08 -15.54
C LEU D 45 18.14 14.16 -16.88
N GLU D 46 16.95 14.74 -16.88
CA GLU D 46 16.01 14.61 -18.01
C GLU D 46 16.00 15.77 -18.99
N THR D 47 16.60 16.89 -18.59
CA THR D 47 16.67 18.09 -19.41
C THR D 47 18.11 18.59 -19.46
N PRO D 48 18.45 19.39 -20.46
CA PRO D 48 19.77 19.99 -20.55
C PRO D 48 19.93 21.20 -19.62
N TYR D 49 18.87 21.53 -18.88
CA TYR D 49 18.88 22.66 -17.96
C TYR D 49 19.34 22.23 -16.58
N SER D 50 19.93 23.15 -15.84
CA SER D 50 20.20 22.94 -14.42
C SER D 50 19.01 23.46 -13.64
N ALA D 51 19.01 23.25 -12.32
CA ALA D 51 17.95 23.74 -11.46
C ALA D 51 17.90 25.26 -11.48
N ARG D 52 19.08 25.90 -11.50
CA ARG D 52 19.18 27.35 -11.56
C ARG D 52 18.64 27.94 -12.86
N ASP D 53 18.91 27.26 -13.97
CA ASP D 53 18.31 27.59 -15.27
C ASP D 53 16.79 27.62 -15.18
N VAL D 54 16.21 26.62 -14.52
CA VAL D 54 14.76 26.51 -14.36
C VAL D 54 14.25 27.58 -13.39
N ALA D 55 14.97 27.79 -12.29
CA ALA D 55 14.63 28.84 -11.35
C ALA D 55 14.51 30.20 -12.04
N ALA D 56 15.41 30.45 -12.99
CA ALA D 56 15.44 31.70 -13.75
C ALA D 56 14.25 31.88 -14.71
N LEU D 57 13.51 30.79 -14.96
CA LEU D 57 12.29 30.84 -15.76
C LEU D 57 11.13 31.47 -14.99
N ALA D 58 11.26 31.52 -13.67
CA ALA D 58 10.18 32.00 -12.80
C ALA D 58 10.47 33.40 -12.28
N ASP D 59 9.42 34.12 -11.92
CA ASP D 59 9.54 35.45 -11.33
C ASP D 59 10.05 35.34 -9.92
N PHE D 60 9.57 34.34 -9.19
CA PHE D 60 10.06 34.03 -7.84
C PHE D 60 10.30 32.54 -7.72
N SER D 61 11.26 32.18 -6.88
CA SER D 61 11.55 30.78 -6.60
C SER D 61 11.77 30.64 -5.11
N HIS D 62 11.05 29.71 -4.49
CA HIS D 62 11.11 29.55 -3.04
C HIS D 62 11.75 28.22 -2.65
N ASN D 63 12.37 28.18 -1.48
CA ASN D 63 12.98 26.97 -0.95
C ASN D 63 11.91 25.97 -0.45
N PRO D 64 12.01 24.70 -0.84
CA PRO D 64 11.02 23.69 -0.46
C PRO D 64 10.90 23.39 1.04
N ALA D 65 11.88 23.82 1.84
CA ALA D 65 11.80 23.68 3.29
C ALA D 65 11.31 24.97 3.97
N ASP D 66 11.13 26.02 3.16
CA ASP D 66 10.82 27.35 3.69
C ASP D 66 9.31 27.56 3.96
N GLN D 67 8.88 27.19 5.16
CA GLN D 67 7.48 27.36 5.57
C GLN D 67 7.11 28.81 5.87
N ALA D 68 8.08 29.71 5.74
CA ALA D 68 7.85 31.14 6.01
C ALA D 68 7.83 31.99 4.74
N ALA D 69 7.86 31.33 3.58
CA ALA D 69 7.74 32.00 2.28
C ALA D 69 6.38 32.66 2.12
N THR D 70 6.29 33.65 1.23
CA THR D 70 5.03 34.37 0.99
C THR D 70 3.85 33.44 0.70
N ILE D 71 4.07 32.48 -0.18
CA ILE D 71 3.02 31.55 -0.64
C ILE D 71 2.59 30.54 0.43
N SER D 72 3.24 30.58 1.58
CA SER D 72 2.85 29.76 2.72
C SER D 72 1.72 30.44 3.49
N SER D 73 1.46 31.69 3.16
CA SER D 73 0.43 32.47 3.82
C SER D 73 -0.81 32.56 2.95
N GLY D 74 -1.96 32.31 3.58
CA GLY D 74 -3.25 32.39 2.90
C GLY D 74 -3.62 33.79 2.47
N SER D 75 -3.28 34.78 3.28
CA SER D 75 -3.59 36.19 2.98
C SER D 75 -2.86 36.70 1.74
N PHE D 76 -1.73 36.06 1.40
CA PHE D 76 -1.02 36.37 0.17
C PHE D 76 -1.75 35.74 -1.02
N ARG D 77 -2.49 36.57 -1.76
CA ARG D 77 -3.39 36.12 -2.82
C ARG D 77 -2.66 35.53 -4.03
N THR D 78 -3.11 34.35 -4.45
CA THR D 78 -2.74 33.76 -5.73
C THR D 78 -4.00 33.23 -6.40
N ASP D 79 -3.89 32.91 -7.68
CA ASP D 79 -5.01 32.38 -8.44
C ASP D 79 -5.02 30.86 -8.46
N GLY D 80 -4.00 30.25 -7.89
CA GLY D 80 -3.94 28.80 -7.80
C GLY D 80 -2.54 28.24 -7.90
N ILE D 82 -0.14 24.74 -9.71
CA ILE D 82 0.05 23.54 -10.53
C ILE D 82 1.24 22.78 -9.98
N VAL D 83 1.08 21.47 -9.80
CA VAL D 83 2.23 20.63 -9.46
C VAL D 83 2.52 19.73 -10.66
N ILE D 84 3.68 19.93 -11.28
CA ILE D 84 4.01 19.32 -12.57
C ILE D 84 5.50 18.96 -12.75
N PRO D 85 5.82 17.66 -12.86
CA PRO D 85 4.86 16.58 -12.61
C PRO D 85 4.67 16.43 -11.11
N CYS D 86 3.63 15.70 -10.72
CA CYS D 86 3.37 15.43 -9.30
C CYS D 86 3.66 13.96 -9.01
N SER D 87 4.59 13.72 -8.10
CA SER D 87 4.94 12.37 -7.70
C SER D 87 3.85 11.82 -6.78
N LYS D 89 4.39 10.43 -3.85
CA LYS D 89 4.71 10.88 -2.49
C LYS D 89 4.09 12.26 -2.22
N THR D 90 4.26 13.19 -3.15
CA THR D 90 3.70 14.53 -2.99
C THR D 90 2.17 14.49 -3.00
N LEU D 91 1.61 13.73 -3.94
CA LEU D 91 0.17 13.49 -4.00
C LEU D 91 -0.37 12.97 -2.67
N ALA D 92 0.30 11.96 -2.12
CA ALA D 92 -0.09 11.35 -0.85
C ALA D 92 -0.01 12.33 0.32
N GLY D 93 1.02 13.17 0.32
CA GLY D 93 1.19 14.19 1.34
C GLY D 93 0.07 15.21 1.33
N ILE D 94 -0.29 15.67 0.14
CA ILE D 94 -1.37 16.65 -0.01
C ILE D 94 -2.71 16.08 0.43
N ARG D 95 -3.01 14.84 0.03
CA ARG D 95 -4.25 14.17 0.41
C ARG D 95 -4.37 13.98 1.93
N ALA D 96 -3.27 13.58 2.57
CA ALA D 96 -3.26 13.38 4.01
C ALA D 96 -3.25 14.74 4.75
N GLY D 97 -2.78 15.77 4.05
CA GLY D 97 -2.60 17.10 4.60
C GLY D 97 -1.33 17.24 5.43
N TYR D 98 -0.40 16.33 5.22
CA TYR D 98 0.87 16.31 5.94
C TYR D 98 1.85 17.35 5.34
N ALA D 99 1.57 18.62 5.62
CA ALA D 99 2.25 19.74 5.00
C ALA D 99 3.65 19.95 5.60
N ASP D 100 4.55 19.00 5.34
CA ASP D 100 5.88 18.94 5.96
C ASP D 100 6.91 19.88 5.32
N GLY D 101 6.73 20.17 4.04
CA GLY D 101 7.57 21.14 3.31
C GLY D 101 6.70 22.17 2.61
N LEU D 102 7.33 23.02 1.79
CA LEU D 102 6.63 24.11 1.12
C LEU D 102 5.72 23.69 -0.05
N VAL D 103 6.05 22.62 -0.74
CA VAL D 103 5.16 22.15 -1.80
C VAL D 103 3.83 21.76 -1.15
N GLY D 104 3.91 21.01 -0.06
CA GLY D 104 2.75 20.52 0.67
C GLY D 104 1.97 21.61 1.38
N ARG D 105 2.71 22.53 2.02
CA ARG D 105 2.11 23.68 2.70
C ARG D 105 1.40 24.63 1.73
N ALA D 106 2.08 25.02 0.65
CA ALA D 106 1.47 25.87 -0.35
C ALA D 106 0.20 25.21 -0.91
N ALA D 107 0.23 23.89 -1.08
CA ALA D 107 -0.94 23.15 -1.60
C ALA D 107 -2.09 23.13 -0.59
N ASP D 108 -1.74 22.86 0.67
CA ASP D 108 -2.71 22.89 1.78
C ASP D 108 -3.39 24.26 1.91
N VAL D 109 -2.59 25.31 1.81
CA VAL D 109 -3.06 26.71 1.83
C VAL D 109 -3.97 27.02 0.64
N VAL D 110 -3.53 26.67 -0.56
CA VAL D 110 -4.39 26.82 -1.74
C VAL D 110 -5.78 26.20 -1.50
N LEU D 111 -5.81 24.98 -0.97
CA LEU D 111 -7.08 24.30 -0.71
C LEU D 111 -7.92 25.00 0.37
N LYS D 112 -7.30 25.45 1.47
CA LYS D 112 -8.08 26.11 2.52
C LYS D 112 -8.63 27.46 2.06
N GLU D 113 -7.95 28.11 1.12
CA GLU D 113 -8.39 29.42 0.63
C GLU D 113 -9.41 29.31 -0.50
N GLY D 114 -9.70 28.09 -0.94
CA GLY D 114 -10.66 27.85 -2.03
C GLY D 114 -10.09 28.14 -3.41
N ARG D 115 -8.76 28.11 -3.52
CA ARG D 115 -8.10 28.42 -4.79
C ARG D 115 -7.89 27.13 -5.58
N LYS D 116 -7.62 27.27 -6.87
CA LYS D 116 -7.57 26.11 -7.76
C LYS D 116 -6.26 25.35 -7.62
N LEU D 117 -6.35 24.05 -7.35
CA LEU D 117 -5.18 23.17 -7.38
C LEU D 117 -5.25 22.21 -8.57
N VAL D 118 -4.21 22.23 -9.39
CA VAL D 118 -4.11 21.36 -10.56
C VAL D 118 -2.90 20.45 -10.42
N LEU D 119 -3.13 19.14 -10.37
CA LEU D 119 -2.04 18.18 -10.22
C LEU D 119 -1.78 17.49 -11.54
N VAL D 120 -0.51 17.20 -11.83
CA VAL D 120 -0.13 16.47 -13.02
C VAL D 120 0.52 15.17 -12.52
N PRO D 121 -0.30 14.22 -12.06
CA PRO D 121 0.21 13.02 -11.41
C PRO D 121 0.87 12.12 -12.45
N ARG D 122 2.06 11.61 -12.14
CA ARG D 122 2.75 10.70 -13.05
C ARG D 122 3.34 9.50 -12.31
N GLU D 123 2.84 8.33 -12.67
CA GLU D 123 3.30 7.04 -12.18
C GLU D 123 2.63 5.96 -13.03
N PRO D 125 2.71 1.36 -13.23
CA PRO D 125 1.24 1.38 -13.10
C PRO D 125 0.80 2.22 -11.90
N LEU D 126 -0.50 2.50 -11.84
CA LEU D 126 -1.13 3.09 -10.67
C LEU D 126 -1.65 1.99 -9.76
N SER D 127 -1.41 2.13 -8.45
CA SER D 127 -1.87 1.14 -7.49
C SER D 127 -3.14 1.64 -6.83
N THR D 128 -3.70 0.82 -5.95
CA THR D 128 -4.90 1.19 -5.19
C THR D 128 -4.68 2.44 -4.35
N ILE D 129 -3.50 2.57 -3.75
CA ILE D 129 -3.19 3.75 -2.93
C ILE D 129 -3.16 5.01 -3.79
N HIS D 130 -2.45 4.95 -4.92
CA HIS D 130 -2.39 6.09 -5.84
C HIS D 130 -3.81 6.52 -6.20
N LEU D 131 -4.65 5.56 -6.60
CA LEU D 131 -6.01 5.84 -7.02
C LEU D 131 -6.91 6.39 -5.88
N GLU D 132 -6.74 5.88 -4.66
CA GLU D 132 -7.47 6.37 -3.48
C GLU D 132 -7.17 7.82 -3.24
N ASN D 133 -5.87 8.16 -3.24
CA ASN D 133 -5.42 9.52 -3.01
C ASN D 133 -5.90 10.46 -4.11
N LEU D 135 -8.57 10.07 -6.02
CA LEU D 135 -10.01 10.22 -5.88
C LEU D 135 -10.39 11.18 -4.73
N ALA D 136 -9.75 11.02 -3.58
CA ALA D 136 -10.06 11.86 -2.43
C ALA D 136 -9.95 13.34 -2.78
N LEU D 137 -8.85 13.69 -3.46
CA LEU D 137 -8.57 15.07 -3.85
C LEU D 137 -9.47 15.54 -5.00
N SER D 138 -9.74 14.65 -5.95
CA SER D 138 -10.72 14.92 -7.02
C SER D 138 -12.08 15.33 -6.45
N ARG D 139 -12.56 14.61 -5.44
CA ARG D 139 -13.87 14.92 -4.83
C ARG D 139 -13.92 16.35 -4.25
N GLY D 141 -12.48 18.91 -5.72
CA GLY D 141 -12.32 19.87 -6.81
C GLY D 141 -10.91 20.00 -7.36
N VAL D 142 -9.95 19.21 -6.84
CA VAL D 142 -8.59 19.22 -7.38
C VAL D 142 -8.57 18.57 -8.77
N ALA D 143 -8.05 19.31 -9.75
CA ALA D 143 -7.95 18.80 -11.12
C ALA D 143 -6.82 17.79 -11.25
N VAL D 145 -4.65 15.99 -13.84
CA VAL D 145 -4.26 16.08 -15.24
C VAL D 145 -2.98 15.29 -15.52
N PRO D 146 -3.08 13.95 -15.53
CA PRO D 146 -1.93 13.10 -15.81
C PRO D 146 -1.47 13.35 -17.25
N PRO D 147 -0.16 13.25 -17.50
CA PRO D 147 0.39 13.54 -18.83
C PRO D 147 0.16 12.42 -19.86
N PRO D 149 -0.52 10.97 -23.42
CA PRO D 149 -0.37 11.35 -24.83
C PRO D 149 -1.64 11.25 -25.66
N ALA D 150 -1.81 12.21 -26.57
CA ALA D 150 -2.86 12.21 -27.56
C ALA D 150 -2.23 11.88 -28.91
N PHE D 151 -2.91 11.07 -29.71
CA PHE D 151 -2.37 10.63 -31.00
C PHE D 151 -3.22 11.11 -32.20
N TYR D 152 -4.34 11.75 -31.90
CA TYR D 152 -5.27 12.18 -32.95
C TYR D 152 -4.74 13.35 -33.78
N ASN D 153 -3.83 14.13 -33.19
CA ASN D 153 -3.24 15.30 -33.85
C ASN D 153 -1.90 14.95 -34.50
N HIS D 154 -1.64 13.65 -34.62
CA HIS D 154 -0.45 13.09 -35.27
C HIS D 154 0.89 13.65 -34.78
N PRO D 155 1.20 13.42 -33.50
CA PRO D 155 2.50 13.82 -32.95
C PRO D 155 3.63 13.00 -33.56
N GLU D 156 4.83 13.59 -33.57
CA GLU D 156 5.99 12.96 -34.16
C GLU D 156 7.10 12.83 -33.12
N THR D 157 7.26 13.87 -32.32
CA THR D 157 8.34 13.94 -31.36
C THR D 157 7.80 14.02 -29.94
N VAL D 158 8.70 13.85 -28.98
CA VAL D 158 8.40 14.01 -27.57
C VAL D 158 7.92 15.42 -27.27
N ASP D 159 8.58 16.42 -27.87
CA ASP D 159 8.16 17.82 -27.76
C ASP D 159 6.67 17.99 -28.13
N ASP D 160 6.23 17.34 -29.21
CA ASP D 160 4.83 17.36 -29.62
C ASP D 160 3.90 16.95 -28.46
N ILE D 161 4.26 15.86 -27.79
CA ILE D 161 3.47 15.34 -26.67
C ILE D 161 3.54 16.27 -25.45
N VAL D 162 4.74 16.74 -25.12
CA VAL D 162 4.92 17.66 -23.99
C VAL D 162 4.07 18.91 -24.14
N HIS D 163 4.09 19.51 -25.32
CA HIS D 163 3.39 20.77 -25.56
C HIS D 163 1.88 20.62 -25.56
N HIS D 164 1.40 19.45 -25.97
CA HIS D 164 -0.03 19.17 -25.92
C HIS D 164 -0.49 19.04 -24.47
N VAL D 165 0.29 18.33 -23.66
CA VAL D 165 0.00 18.16 -22.24
C VAL D 165 -0.04 19.52 -21.57
N VAL D 166 1.02 20.31 -21.79
CA VAL D 166 1.13 21.66 -21.24
C VAL D 166 -0.09 22.53 -21.59
N ALA D 167 -0.48 22.54 -22.87
CA ALA D 167 -1.67 23.27 -23.32
C ALA D 167 -2.94 22.86 -22.56
N ARG D 168 -3.10 21.56 -22.35
CA ARG D 168 -4.29 21.02 -21.70
C ARG D 168 -4.29 21.27 -20.19
N VAL D 169 -3.09 21.36 -19.61
CA VAL D 169 -2.94 21.79 -18.22
C VAL D 169 -3.33 23.28 -18.09
N LEU D 170 -2.79 24.12 -18.97
CA LEU D 170 -3.10 25.56 -19.02
C LEU D 170 -4.58 25.88 -19.20
N ASP D 171 -5.28 25.06 -19.99
CA ASP D 171 -6.74 25.16 -20.14
C ASP D 171 -7.45 25.28 -18.80
N GLN D 172 -6.89 24.66 -17.77
CA GLN D 172 -7.44 24.68 -16.42
C GLN D 172 -7.51 26.09 -15.81
N PHE D 173 -6.66 26.98 -16.32
CA PHE D 173 -6.65 28.37 -15.86
C PHE D 173 -7.09 29.36 -16.95
N GLY D 174 -7.83 28.85 -17.94
CA GLY D 174 -8.32 29.65 -19.07
C GLY D 174 -7.22 30.33 -19.86
N LEU D 175 -6.03 29.73 -19.84
CA LEU D 175 -4.88 30.27 -20.55
C LEU D 175 -4.72 29.58 -21.91
N GLU D 176 -4.31 30.35 -22.91
CA GLU D 176 -4.16 29.84 -24.27
C GLU D 176 -2.71 29.61 -24.65
N HIS D 177 -2.34 28.34 -24.75
CA HIS D 177 -1.05 27.94 -25.30
C HIS D 177 -1.13 28.14 -26.82
N PRO D 178 -0.19 28.92 -27.37
CA PRO D 178 -0.28 29.35 -28.77
C PRO D 178 0.08 28.30 -29.83
N TYR D 179 0.38 27.07 -29.38
CA TYR D 179 0.69 25.96 -30.30
C TYR D 179 -0.14 24.71 -30.00
N ALA D 180 -1.34 24.91 -29.44
CA ALA D 180 -2.25 23.81 -29.13
C ALA D 180 -2.85 23.21 -30.41
N ARG D 181 -2.82 21.88 -30.50
CA ARG D 181 -3.41 21.16 -31.64
C ARG D 181 -4.70 20.48 -31.20
N ARG D 182 -5.81 21.22 -31.31
CA ARG D 182 -7.10 20.79 -30.78
C ARG D 182 -7.90 19.96 -31.79
N TRP D 183 -8.82 19.16 -31.27
CA TRP D 183 -9.70 18.31 -32.08
C TRP D 183 -10.68 19.14 -32.93
N GLN D 184 -10.68 18.87 -34.23
CA GLN D 184 -11.46 19.64 -35.20
C GLN D 184 -12.71 18.91 -35.71
N GLY D 185 -12.79 17.60 -35.46
CA GLY D 185 -13.90 16.77 -35.91
C GLY D 185 -13.55 15.91 -37.11
#